data_9F5H
#
_entry.id   9F5H
#
_cell.length_a   46.507
_cell.length_b   69.069
_cell.length_c   90.993
_cell.angle_alpha   108.208
_cell.angle_beta   92.088
_cell.angle_gamma   106.747
#
_symmetry.space_group_name_H-M   'P 1'
#
loop_
_entity.id
_entity.type
_entity.pdbx_description
1 polymer 'Secreted alpha-1,6-mannosylglycoprotein 6-beta-N-acetylglucosaminyltransferase A'
2 non-polymer "URIDINE-5'-DIPHOSPHATE"
3 non-polymer 2-acetamido-2-deoxy-beta-D-glucopyranose
4 non-polymer alpha-D-mannopyranose
5 non-polymer 'SULFATE ION'
6 water water
#
_entity_poly.entity_id   1
_entity_poly.type   'polypeptide(L)'
_entity_poly.pdbx_seq_one_letter_code
;SLAEIRTDFNILYSMMKKHEEFRWMRLRIRRMADAWIQAIKSLAEKQNLEKRKRKKVLVHLGLLTKESGFKIAETAFSGG
PLGALVQWSDLITSLYLLGHDIRISASLAELKEIMGGGGVELIYIDIVGLAQFKKTLGPSWVHYQCMLRVLDSFGTEPEF
NHANYAQSKGHKTPWGKWNLNPQQFYTMFPHTPDNSFLGFVVEQHLNSSDIHHINEIKRQNQSLVYGKVDSVWKNKKIYL
DIIHTYMEVHATVYGSSTKNIPSYVKNHGILSGRDLQFLLRETKLFVGLGLPYEGPAPLEAIANGCAFLNPKFNPPKSSK
NTDFFIGKPTLRELTSQHPYAEVFIGRPHVWTVDLNNQEEVEDAVKAILNQKIEPYMPYEFTCEGMLQRINAFIEKQDFC
HGQVMWPPLSALQVKLAEPGQSCKQVCQESQLICEPSFFQHLNKDKDMLKYKVTCQSSELAKDILVPSFDPKNKHCVFQG
DLLLFSCAGAHPRHQRVCPCRDFIKGQVALCKDCL
;
_entity_poly.pdbx_strand_id   A,B
#
loop_
_chem_comp.id
_chem_comp.type
_chem_comp.name
_chem_comp.formula
MAN D-saccharide, alpha linking alpha-D-mannopyranose 'C6 H12 O6'
NAG D-saccharide, beta linking 2-acetamido-2-deoxy-beta-D-glucopyranose 'C8 H15 N O6'
SO4 non-polymer 'SULFATE ION' 'O4 S -2'
UDP RNA linking URIDINE-5'-DIPHOSPHATE 'C9 H14 N2 O12 P2'
#
# COMPACT_ATOMS: atom_id res chain seq x y z
N SER A 1 -7.27 -1.21 43.05
CA SER A 1 -7.23 -2.22 41.96
C SER A 1 -5.91 -2.13 41.18
N LEU A 2 -5.22 -3.29 41.02
CA LEU A 2 -3.85 -3.32 40.53
C LEU A 2 -3.79 -3.67 39.05
N ALA A 3 -2.91 -3.00 38.31
CA ALA A 3 -2.72 -3.29 36.89
C ALA A 3 -2.19 -4.70 36.67
N GLU A 4 -2.75 -5.44 35.69
CA GLU A 4 -2.21 -6.71 35.21
C GLU A 4 -1.74 -6.56 33.77
N ILE A 5 -0.51 -7.00 33.45
CA ILE A 5 -0.07 -6.97 32.07
C ILE A 5 -1.01 -7.79 31.17
N ARG A 6 -1.18 -7.32 29.93
CA ARG A 6 -2.02 -7.97 28.93
C ARG A 6 -1.10 -8.64 27.92
N THR A 7 -1.51 -9.82 27.44
CA THR A 7 -0.76 -10.53 26.40
C THR A 7 -1.64 -10.89 25.20
N ASP A 8 -2.87 -10.42 25.19
CA ASP A 8 -3.84 -10.64 24.14
C ASP A 8 -4.25 -9.26 23.59
N PHE A 9 -4.42 -9.10 22.27
CA PHE A 9 -4.74 -7.80 21.68
C PHE A 9 -6.20 -7.64 21.27
N ASN A 10 -7.10 -8.60 21.55
CA ASN A 10 -8.47 -8.52 21.04
C ASN A 10 -9.22 -7.32 21.61
N ILE A 11 -9.04 -7.03 22.92
CA ILE A 11 -9.68 -5.85 23.48
C ILE A 11 -9.14 -4.59 22.78
N LEU A 12 -7.84 -4.54 22.50
CA LEU A 12 -7.25 -3.40 21.85
C LEU A 12 -7.80 -3.26 20.43
N TYR A 13 -7.88 -4.37 19.69
CA TYR A 13 -8.39 -4.27 18.33
C TYR A 13 -9.83 -3.75 18.34
N SER A 14 -10.63 -4.21 19.29
CA SER A 14 -12.01 -3.76 19.38
C SER A 14 -12.09 -2.24 19.64
N MET A 15 -11.27 -1.74 20.58
CA MET A 15 -11.28 -0.33 20.92
C MET A 15 -10.88 0.49 19.68
N MET A 16 -9.85 0.05 18.94
CA MET A 16 -9.43 0.76 17.74
C MET A 16 -10.35 0.57 16.51
N LYS A 17 -11.24 -0.43 16.47
CA LYS A 17 -12.20 -0.52 15.38
C LYS A 17 -13.36 0.48 15.51
N LYS A 18 -13.40 1.25 16.62
CA LYS A 18 -14.47 2.21 16.93
C LYS A 18 -14.35 3.47 16.04
N HIS A 19 -13.14 3.87 15.61
CA HIS A 19 -13.04 4.94 14.64
C HIS A 19 -12.14 4.53 13.47
N GLU A 20 -12.63 4.86 12.28
CA GLU A 20 -11.94 4.62 11.01
C GLU A 20 -10.56 5.26 10.98
N GLU A 21 -10.45 6.42 11.62
CA GLU A 21 -9.17 7.10 11.71
C GLU A 21 -8.10 6.15 12.26
N PHE A 22 -8.46 5.29 13.23
CA PHE A 22 -7.45 4.48 13.90
C PHE A 22 -6.96 3.35 13.01
N ARG A 23 -7.48 3.18 11.78
CA ARG A 23 -7.27 2.00 10.93
C ARG A 23 -5.80 1.79 10.65
N TRP A 24 -5.06 2.89 10.38
CA TRP A 24 -3.67 2.77 10.00
C TRP A 24 -2.87 2.24 11.20
N MET A 25 -3.15 2.84 12.39
CA MET A 25 -2.50 2.47 13.64
C MET A 25 -2.74 0.98 13.93
N ARG A 26 -3.99 0.54 13.71
CA ARG A 26 -4.41 -0.82 14.03
C ARG A 26 -3.63 -1.83 13.21
N LEU A 27 -3.32 -1.48 11.95
CA LEU A 27 -2.60 -2.41 11.09
C LEU A 27 -1.13 -2.50 11.52
N ARG A 28 -0.48 -1.39 11.85
CA ARG A 28 0.91 -1.47 12.28
C ARG A 28 1.01 -2.37 13.51
N ILE A 29 0.07 -2.23 14.46
CA ILE A 29 0.06 -3.00 15.71
C ILE A 29 0.04 -4.50 15.40
N ARG A 30 -0.88 -4.89 14.50
CA ARG A 30 -1.04 -6.27 14.07
C ARG A 30 0.28 -6.80 13.51
N ARG A 31 0.99 -6.06 12.64
CA ARG A 31 2.27 -6.53 12.13
C ARG A 31 3.31 -6.73 13.25
N MET A 32 3.28 -5.88 14.29
CA MET A 32 4.29 -5.89 15.35
C MET A 32 3.88 -6.66 16.62
N ALA A 33 2.78 -7.45 16.56
CA ALA A 33 2.12 -7.95 17.76
C ALA A 33 2.99 -8.92 18.57
N ASP A 34 3.65 -9.84 17.88
CA ASP A 34 4.47 -10.86 18.51
C ASP A 34 5.66 -10.21 19.22
N ALA A 35 6.23 -9.18 18.61
CA ALA A 35 7.36 -8.48 19.22
C ALA A 35 6.94 -7.82 20.52
N TRP A 36 5.74 -7.24 20.52
CA TRP A 36 5.22 -6.48 21.65
C TRP A 36 5.01 -7.45 22.83
N ILE A 37 4.41 -8.57 22.50
CA ILE A 37 4.02 -9.53 23.49
C ILE A 37 5.26 -10.23 24.09
N GLN A 38 6.28 -10.55 23.28
CA GLN A 38 7.57 -11.02 23.77
C GLN A 38 8.17 -9.98 24.74
N ALA A 39 8.05 -8.69 24.39
CA ALA A 39 8.67 -7.63 25.15
C ALA A 39 7.98 -7.39 26.50
N ILE A 40 6.65 -7.49 26.60
CA ILE A 40 6.05 -7.21 27.91
C ILE A 40 6.41 -8.36 28.88
N LYS A 41 6.40 -9.59 28.35
CA LYS A 41 6.74 -10.76 29.14
C LYS A 41 8.21 -10.73 29.59
N SER A 42 9.12 -10.40 28.69
CA SER A 42 10.52 -10.21 29.00
C SER A 42 10.74 -9.10 30.07
N LEU A 43 10.03 -7.95 29.99
CA LEU A 43 10.17 -6.90 30.99
C LEU A 43 9.66 -7.36 32.36
N ALA A 44 8.59 -8.14 32.37
CA ALA A 44 7.95 -8.57 33.62
C ALA A 44 8.86 -9.56 34.35
N GLU A 45 9.73 -10.23 33.57
CA GLU A 45 10.65 -11.28 34.00
C GLU A 45 11.94 -10.64 34.56
N LYS A 46 12.32 -9.46 34.03
CA LYS A 46 13.50 -8.75 34.48
C LYS A 46 13.24 -7.79 35.64
N GLN A 47 12.02 -7.26 35.79
CA GLN A 47 11.74 -6.15 36.71
C GLN A 47 10.39 -6.39 37.35
N ASN A 48 10.25 -5.96 38.60
CA ASN A 48 8.99 -6.24 39.27
C ASN A 48 7.93 -5.26 38.78
N LEU A 49 6.89 -5.81 38.10
CA LEU A 49 5.75 -5.05 37.55
C LEU A 49 4.51 -5.25 38.41
N GLU A 50 4.64 -5.88 39.60
CA GLU A 50 3.54 -6.04 40.52
C GLU A 50 3.32 -4.73 41.28
N LYS A 51 2.17 -4.59 41.93
CA LYS A 51 1.93 -3.52 42.88
C LYS A 51 1.81 -2.18 42.19
N ARG A 52 1.51 -2.17 40.88
CA ARG A 52 1.18 -0.92 40.20
C ARG A 52 -0.32 -0.67 40.27
N LYS A 53 -0.70 0.53 40.63
CA LYS A 53 -2.10 0.93 40.57
C LYS A 53 -2.54 0.97 39.11
N ARG A 54 -3.70 0.37 38.80
CA ARG A 54 -4.32 0.48 37.48
C ARG A 54 -4.86 1.89 37.26
N LYS A 55 -4.37 2.61 36.27
CA LYS A 55 -4.82 3.96 36.01
C LYS A 55 -5.90 4.04 34.94
N LYS A 56 -6.87 4.94 35.18
CA LYS A 56 -7.76 5.47 34.16
C LYS A 56 -7.06 6.58 33.39
N VAL A 57 -6.88 6.35 32.09
CA VAL A 57 -6.06 7.18 31.22
C VAL A 57 -6.94 7.69 30.07
N LEU A 58 -7.02 9.02 29.96
CA LEU A 58 -7.53 9.66 28.75
C LEU A 58 -6.41 9.78 27.72
N VAL A 59 -6.72 9.37 26.48
CA VAL A 59 -5.87 9.61 25.32
C VAL A 59 -6.72 10.37 24.31
N HIS A 60 -6.42 11.66 24.15
CA HIS A 60 -7.20 12.53 23.28
C HIS A 60 -6.36 12.95 22.06
N LEU A 61 -6.73 12.44 20.87
CA LEU A 61 -5.95 12.66 19.65
C LEU A 61 -6.55 13.86 18.90
N GLY A 62 -6.11 15.07 19.32
CA GLY A 62 -6.63 16.28 18.73
C GLY A 62 -6.37 16.33 17.22
N LEU A 63 -5.21 15.82 16.80
CA LEU A 63 -4.84 15.79 15.39
C LEU A 63 -5.86 15.02 14.55
N LEU A 64 -6.66 14.10 15.13
CA LEU A 64 -7.65 13.36 14.37
C LEU A 64 -9.06 13.98 14.46
N THR A 65 -9.25 15.10 15.16
CA THR A 65 -10.53 15.82 15.19
C THR A 65 -10.74 16.49 13.82
N LYS A 66 -11.99 16.58 13.37
CA LYS A 66 -12.33 17.35 12.15
C LYS A 66 -12.00 18.80 12.47
N GLU A 67 -12.42 19.14 13.69
CA GLU A 67 -12.34 20.41 14.39
C GLU A 67 -10.90 21.00 14.36
N SER A 68 -9.84 20.21 14.05
CA SER A 68 -8.46 20.69 13.95
C SER A 68 -8.09 21.07 12.51
N GLY A 69 -8.77 20.42 11.55
CA GLY A 69 -8.58 20.65 10.12
C GLY A 69 -7.22 20.19 9.59
N PHE A 70 -6.68 19.08 10.14
CA PHE A 70 -5.30 18.61 9.89
C PHE A 70 -5.21 17.64 8.70
N LYS A 71 -6.28 16.86 8.43
CA LYS A 71 -6.39 15.91 7.32
C LYS A 71 -5.27 14.84 7.35
N ILE A 72 -4.87 14.36 8.56
CA ILE A 72 -3.86 13.30 8.73
C ILE A 72 -4.46 11.93 8.46
N ALA A 73 -5.63 11.64 9.06
CA ALA A 73 -6.37 10.42 8.74
C ALA A 73 -6.51 10.31 7.21
N GLU A 74 -6.98 11.39 6.55
CA GLU A 74 -7.25 11.40 5.12
C GLU A 74 -6.06 10.91 4.28
N THR A 75 -4.81 11.29 4.63
CA THR A 75 -3.71 11.04 3.70
C THR A 75 -2.79 9.92 4.22
N ALA A 76 -3.22 9.18 5.28
CA ALA A 76 -2.37 8.21 6.00
C ALA A 76 -1.85 7.11 5.07
N PHE A 77 -2.69 6.68 4.12
CA PHE A 77 -2.36 5.59 3.22
C PHE A 77 -1.81 6.10 1.88
N SER A 78 -1.90 7.41 1.59
CA SER A 78 -1.55 8.00 0.30
C SER A 78 -0.36 8.98 0.40
N GLY A 79 0.60 8.71 1.30
CA GLY A 79 1.87 9.46 1.35
C GLY A 79 1.88 10.75 2.21
N GLY A 80 0.89 10.93 3.08
CA GLY A 80 0.90 12.04 4.03
C GLY A 80 1.81 11.77 5.24
N PRO A 81 1.80 12.65 6.28
CA PRO A 81 2.55 12.38 7.52
C PRO A 81 1.99 11.25 8.41
N LEU A 82 2.93 10.44 8.93
CA LEU A 82 2.65 9.27 9.72
C LEU A 82 3.47 9.26 11.03
N GLY A 83 4.59 10.02 11.16
CA GLY A 83 5.40 10.09 12.38
C GLY A 83 4.54 10.12 13.67
N ALA A 84 3.64 11.10 13.72
CA ALA A 84 2.77 11.30 14.87
C ALA A 84 1.92 10.05 15.12
N LEU A 85 1.35 9.46 14.05
CA LEU A 85 0.45 8.32 14.21
C LEU A 85 1.19 7.05 14.67
N VAL A 86 2.44 6.87 14.22
CA VAL A 86 3.38 5.91 14.74
C VAL A 86 3.50 6.08 16.25
N GLN A 87 3.80 7.31 16.68
CA GLN A 87 3.97 7.56 18.10
C GLN A 87 2.72 7.24 18.94
N TRP A 88 1.58 7.71 18.51
CA TRP A 88 0.35 7.48 19.21
C TRP A 88 0.07 5.98 19.28
N SER A 89 0.32 5.26 18.18
CA SER A 89 0.00 3.84 18.13
C SER A 89 0.82 3.06 19.17
N ASP A 90 2.10 3.44 19.26
CA ASP A 90 3.04 2.80 20.17
C ASP A 90 2.74 3.15 21.65
N LEU A 91 2.22 4.36 21.89
CA LEU A 91 1.88 4.82 23.23
C LEU A 91 0.66 4.05 23.73
N ILE A 92 -0.35 3.98 22.87
CA ILE A 92 -1.56 3.28 23.22
C ILE A 92 -1.19 1.81 23.52
N THR A 93 -0.42 1.17 22.65
CA THR A 93 -0.12 -0.26 22.77
C THR A 93 0.61 -0.50 24.10
N SER A 94 1.53 0.42 24.44
CA SER A 94 2.30 0.32 25.66
C SER A 94 1.42 0.38 26.89
N LEU A 95 0.49 1.36 26.90
CA LEU A 95 -0.43 1.54 27.99
C LEU A 95 -1.25 0.28 28.14
N TYR A 96 -1.76 -0.24 27.00
CA TYR A 96 -2.60 -1.42 27.02
C TYR A 96 -1.88 -2.63 27.60
N LEU A 97 -0.65 -2.90 27.17
CA LEU A 97 0.15 -4.02 27.65
C LEU A 97 0.48 -3.90 29.15
N LEU A 98 0.68 -2.70 29.65
CA LEU A 98 0.99 -2.46 31.05
C LEU A 98 -0.27 -2.58 31.90
N GLY A 99 -1.47 -2.65 31.28
CA GLY A 99 -2.68 -3.04 32.02
C GLY A 99 -3.56 -1.87 32.45
N HIS A 100 -3.32 -0.70 31.91
CA HIS A 100 -4.07 0.48 32.26
C HIS A 100 -5.42 0.48 31.56
N ASP A 101 -6.28 1.37 32.02
CA ASP A 101 -7.67 1.44 31.59
C ASP A 101 -7.79 2.64 30.64
N ILE A 102 -7.67 2.38 29.33
CA ILE A 102 -7.49 3.43 28.34
C ILE A 102 -8.85 3.82 27.76
N ARG A 103 -9.13 5.13 27.80
CA ARG A 103 -10.29 5.70 27.13
C ARG A 103 -9.80 6.59 25.99
N ILE A 104 -10.04 6.15 24.75
CA ILE A 104 -9.53 6.81 23.58
C ILE A 104 -10.61 7.76 23.06
N SER A 105 -10.17 8.98 22.71
CA SER A 105 -11.01 10.07 22.25
C SER A 105 -10.43 10.68 20.97
N ALA A 106 -11.27 10.83 19.94
CA ALA A 106 -10.91 11.52 18.71
C ALA A 106 -11.92 12.62 18.37
N SER A 107 -12.69 13.05 19.37
CA SER A 107 -13.83 13.93 19.16
C SER A 107 -14.07 14.78 20.41
N LEU A 108 -14.75 15.92 20.22
CA LEU A 108 -15.13 16.78 21.34
C LEU A 108 -16.17 16.06 22.18
N ALA A 109 -17.08 15.32 21.51
CA ALA A 109 -18.12 14.55 22.20
C ALA A 109 -17.50 13.57 23.21
N GLU A 110 -16.55 12.76 22.75
CA GLU A 110 -15.93 11.76 23.61
C GLU A 110 -15.11 12.44 24.71
N LEU A 111 -14.31 13.45 24.35
CA LEU A 111 -13.51 14.19 25.35
C LEU A 111 -14.44 14.65 26.48
N LYS A 112 -15.57 15.25 26.10
CA LYS A 112 -16.55 15.78 27.04
C LYS A 112 -17.12 14.62 27.86
N GLU A 113 -17.45 13.51 27.19
CA GLU A 113 -18.04 12.34 27.84
C GLU A 113 -17.08 11.67 28.82
N ILE A 114 -15.83 11.42 28.44
CA ILE A 114 -14.91 10.73 29.33
C ILE A 114 -14.60 11.59 30.56
N MET A 115 -14.27 12.88 30.32
CA MET A 115 -14.01 13.81 31.42
C MET A 115 -15.29 14.01 32.24
N GLY A 116 -16.44 14.06 31.54
CA GLY A 116 -17.78 14.14 32.11
C GLY A 116 -18.04 13.17 33.25
N GLY A 117 -17.61 11.89 33.13
CA GLY A 117 -17.90 10.86 34.13
C GLY A 117 -16.78 10.63 35.14
N GLY A 118 -15.81 11.54 35.23
CA GLY A 118 -14.83 11.52 36.31
C GLY A 118 -13.84 10.36 36.23
N GLY A 119 -12.99 10.25 37.25
CA GLY A 119 -12.09 9.13 37.46
C GLY A 119 -10.70 9.34 36.87
N VAL A 120 -10.47 10.35 36.00
CA VAL A 120 -9.33 10.25 35.11
C VAL A 120 -8.07 10.62 35.86
N GLU A 121 -7.00 9.80 35.80
CA GLU A 121 -5.78 10.02 36.57
C GLU A 121 -4.56 10.48 35.74
N LEU A 122 -4.66 10.37 34.40
CA LEU A 122 -3.55 10.61 33.51
C LEU A 122 -4.15 10.94 32.14
N ILE A 123 -3.55 11.92 31.49
CA ILE A 123 -4.06 12.43 30.23
C ILE A 123 -2.87 12.56 29.28
N TYR A 124 -2.96 11.83 28.15
CA TYR A 124 -2.07 11.98 26.99
C TYR A 124 -2.85 12.78 25.95
N ILE A 125 -2.23 13.88 25.50
CA ILE A 125 -2.89 14.78 24.55
C ILE A 125 -1.82 15.47 23.72
N ASP A 126 -2.21 15.98 22.53
CA ASP A 126 -1.37 16.90 21.76
C ASP A 126 -1.75 18.39 22.02
N ILE A 127 -0.94 19.33 21.49
CA ILE A 127 -1.22 20.77 21.72
C ILE A 127 -2.57 21.23 21.14
N VAL A 128 -2.93 20.77 19.94
CA VAL A 128 -4.21 21.12 19.37
C VAL A 128 -5.30 20.61 20.30
N GLY A 129 -5.11 19.38 20.83
CA GLY A 129 -6.10 18.76 21.70
C GLY A 129 -6.20 19.50 23.04
N LEU A 130 -5.04 20.01 23.51
CA LEU A 130 -4.98 20.72 24.79
C LEU A 130 -5.84 21.97 24.71
N ALA A 131 -5.79 22.71 23.59
CA ALA A 131 -6.67 23.86 23.39
C ALA A 131 -8.12 23.43 23.50
N GLN A 132 -8.44 22.24 22.94
CA GLN A 132 -9.81 21.75 22.99
C GLN A 132 -10.22 21.40 24.42
N PHE A 133 -9.29 20.78 25.18
CA PHE A 133 -9.53 20.45 26.58
C PHE A 133 -9.89 21.69 27.42
N LYS A 134 -9.02 22.68 27.38
CA LYS A 134 -9.27 23.97 28.05
C LYS A 134 -10.66 24.56 27.68
N LYS A 135 -10.94 24.66 26.40
CA LYS A 135 -12.23 25.17 25.94
C LYS A 135 -13.38 24.27 26.36
N THR A 136 -13.28 22.94 26.33
CA THR A 136 -14.44 22.10 26.66
C THR A 136 -14.73 22.16 28.16
N LEU A 137 -13.68 22.13 29.00
CA LEU A 137 -13.87 21.99 30.44
C LEU A 137 -14.17 23.32 31.13
N GLY A 138 -13.73 24.45 30.52
CA GLY A 138 -13.81 25.75 31.15
C GLY A 138 -12.78 25.84 32.28
N PRO A 139 -12.97 26.68 33.32
CA PRO A 139 -11.88 26.97 34.27
C PRO A 139 -11.33 25.80 35.07
N SER A 140 -12.14 24.76 35.31
CA SER A 140 -11.66 23.58 36.04
C SER A 140 -10.67 22.71 35.28
N TRP A 141 -10.39 23.01 34.00
CA TRP A 141 -9.32 22.35 33.27
C TRP A 141 -7.99 22.40 34.03
N VAL A 142 -7.73 23.48 34.77
CA VAL A 142 -6.49 23.62 35.54
C VAL A 142 -6.44 22.52 36.62
N HIS A 143 -7.56 22.04 37.12
CA HIS A 143 -7.58 20.96 38.08
C HIS A 143 -6.93 19.66 37.55
N TYR A 144 -6.88 19.51 36.22
CA TYR A 144 -6.32 18.30 35.63
C TYR A 144 -4.88 18.52 35.17
N GLN A 145 -4.38 19.74 35.34
CA GLN A 145 -3.24 20.24 34.58
C GLN A 145 -2.01 19.39 34.88
N CYS A 146 -1.84 18.95 36.13
CA CYS A 146 -0.63 18.23 36.51
C CYS A 146 -0.64 16.76 36.02
N MET A 147 -1.79 16.26 35.56
CA MET A 147 -1.91 14.94 34.95
C MET A 147 -1.65 14.95 33.44
N LEU A 148 -1.38 16.16 32.83
CA LEU A 148 -1.20 16.24 31.40
C LEU A 148 0.18 15.73 31.00
N ARG A 149 0.21 14.93 29.94
CA ARG A 149 1.43 14.59 29.23
C ARG A 149 1.19 14.90 27.75
N VAL A 150 1.97 15.85 27.23
CA VAL A 150 1.63 16.55 26.00
C VAL A 150 2.58 16.13 24.88
N LEU A 151 2.04 15.42 23.90
CA LEU A 151 2.87 14.93 22.79
C LEU A 151 3.16 16.08 21.81
N ASP A 152 4.44 16.40 21.70
CA ASP A 152 4.93 17.57 21.03
C ASP A 152 6.27 17.18 20.44
N SER A 153 6.30 16.82 19.15
CA SER A 153 7.44 16.20 18.50
C SER A 153 8.72 16.95 18.72
N PHE A 154 8.70 18.26 18.37
CA PHE A 154 9.91 19.04 18.18
C PHE A 154 10.32 19.70 19.49
N GLY A 155 9.42 19.74 20.48
CA GLY A 155 9.74 20.18 21.84
C GLY A 155 9.40 21.66 22.10
N THR A 156 9.28 21.98 23.41
CA THR A 156 8.91 23.27 23.94
C THR A 156 9.98 23.66 24.96
N GLU A 157 10.64 24.77 24.71
CA GLU A 157 11.67 25.30 25.57
C GLU A 157 11.00 26.23 26.59
N PRO A 158 11.59 26.34 27.80
CA PRO A 158 10.94 27.14 28.86
C PRO A 158 10.52 28.57 28.52
N GLU A 159 11.31 29.26 27.67
CA GLU A 159 11.05 30.66 27.40
C GLU A 159 9.80 30.85 26.55
N PHE A 160 9.30 29.77 25.90
CA PHE A 160 8.05 29.83 25.13
C PHE A 160 6.88 29.31 25.94
N ASN A 161 7.15 28.50 26.97
CA ASN A 161 6.12 27.88 27.80
C ASN A 161 5.55 28.85 28.84
N HIS A 162 6.39 29.79 29.30
CA HIS A 162 5.98 30.79 30.26
C HIS A 162 5.34 31.96 29.49
N ALA A 163 4.02 32.09 29.59
CA ALA A 163 3.20 32.99 28.81
C ALA A 163 3.69 34.44 28.94
N ASN A 164 3.99 34.87 30.17
CA ASN A 164 4.37 36.25 30.40
C ASN A 164 5.76 36.54 29.84
N TYR A 165 6.68 35.58 29.95
CA TYR A 165 8.05 35.82 29.55
C TYR A 165 8.14 35.82 28.03
N ALA A 166 7.38 34.88 27.41
CA ALA A 166 7.33 34.73 25.98
C ALA A 166 6.82 36.03 25.38
N GLN A 167 5.79 36.64 25.99
CA GLN A 167 5.30 37.92 25.51
C GLN A 167 6.32 39.04 25.75
N SER A 168 7.06 39.03 26.86
CA SER A 168 8.07 40.06 27.09
C SER A 168 9.19 39.95 26.05
N LYS A 169 9.38 38.79 25.43
CA LYS A 169 10.42 38.58 24.43
C LYS A 169 9.88 38.69 23.01
N GLY A 170 8.58 38.98 22.85
CA GLY A 170 7.95 39.17 21.56
C GLY A 170 7.63 37.86 20.82
N HIS A 171 7.70 36.69 21.45
CA HIS A 171 7.46 35.43 20.78
C HIS A 171 5.97 35.26 20.41
N LYS A 172 5.66 35.10 19.12
CA LYS A 172 4.28 34.95 18.69
C LYS A 172 3.85 33.49 18.51
N THR A 173 4.67 32.47 18.89
CA THR A 173 4.25 31.07 18.73
C THR A 173 2.77 30.90 19.02
N PRO A 174 1.91 30.28 18.16
CA PRO A 174 0.59 29.87 18.64
C PRO A 174 0.56 28.58 19.46
N TRP A 175 1.73 27.96 19.69
CA TRP A 175 1.86 26.65 20.31
C TRP A 175 2.28 26.65 21.78
N GLY A 176 2.82 27.79 22.26
CA GLY A 176 3.39 27.82 23.57
C GLY A 176 2.42 28.41 24.60
N LYS A 177 3.01 28.91 25.71
CA LYS A 177 2.27 29.69 26.70
C LYS A 177 1.27 28.87 27.50
N TRP A 178 1.46 27.54 27.69
CA TRP A 178 0.58 26.76 28.54
C TRP A 178 0.94 26.83 30.03
N ASN A 179 2.17 27.28 30.37
CA ASN A 179 2.59 27.44 31.75
C ASN A 179 2.66 26.07 32.46
N LEU A 180 3.04 24.99 31.75
CA LEU A 180 3.16 23.67 32.38
C LEU A 180 4.54 23.55 33.00
N ASN A 181 4.77 22.46 33.74
CA ASN A 181 6.12 22.07 34.04
C ASN A 181 6.64 21.53 32.71
N PRO A 182 7.73 22.07 32.13
CA PRO A 182 8.15 21.66 30.79
C PRO A 182 8.52 20.20 30.62
N GLN A 183 8.80 19.45 31.74
CA GLN A 183 8.95 18.01 31.60
C GLN A 183 7.64 17.28 31.23
N GLN A 184 6.50 17.96 31.26
CA GLN A 184 5.25 17.39 30.79
C GLN A 184 5.12 17.33 29.26
N PHE A 185 6.01 18.00 28.54
CA PHE A 185 6.05 17.92 27.06
C PHE A 185 6.80 16.62 26.72
N TYR A 186 6.20 15.76 25.88
CA TYR A 186 6.76 14.49 25.47
C TYR A 186 7.19 14.55 24.00
N THR A 187 8.50 14.37 23.77
CA THR A 187 9.10 14.55 22.45
C THR A 187 9.36 13.24 21.68
N MET A 188 9.69 13.42 20.39
CA MET A 188 9.82 12.32 19.43
C MET A 188 11.22 11.70 19.52
N PHE A 189 12.22 12.48 19.89
CA PHE A 189 13.63 12.15 19.96
C PHE A 189 14.15 12.94 21.15
N PRO A 190 15.21 12.45 21.86
CA PRO A 190 15.74 13.12 23.04
C PRO A 190 16.57 14.33 22.64
N HIS A 191 15.95 15.37 22.14
CA HIS A 191 16.70 16.54 21.68
C HIS A 191 16.55 17.71 22.67
N THR A 192 15.53 17.66 23.56
CA THR A 192 15.15 18.75 24.42
C THR A 192 15.07 18.26 25.87
N PRO A 193 16.15 18.39 26.65
CA PRO A 193 16.16 17.94 28.06
C PRO A 193 15.30 18.76 29.02
N ASP A 194 14.80 19.95 28.60
CA ASP A 194 13.74 20.60 29.34
C ASP A 194 12.47 19.77 29.32
N ASN A 195 12.33 18.94 28.27
CA ASN A 195 11.18 18.06 28.09
C ASN A 195 11.53 16.60 28.42
N SER A 196 10.54 15.71 28.35
CA SER A 196 10.77 14.27 28.43
C SER A 196 10.76 13.65 27.02
N PHE A 197 11.62 12.62 26.80
CA PHE A 197 11.64 11.85 25.55
C PHE A 197 10.63 10.71 25.58
N LEU A 198 9.61 10.74 24.73
CA LEU A 198 8.64 9.69 24.59
C LEU A 198 9.11 8.66 23.58
N GLY A 199 9.31 9.12 22.35
CA GLY A 199 9.73 8.26 21.25
C GLY A 199 8.61 7.35 20.74
N PHE A 200 9.02 6.16 20.31
CA PHE A 200 8.17 5.22 19.58
C PHE A 200 9.02 3.96 19.38
N VAL A 201 8.45 2.92 18.75
CA VAL A 201 9.23 1.73 18.42
C VAL A 201 9.56 1.67 16.93
N VAL A 202 10.79 1.26 16.58
CA VAL A 202 11.28 1.11 15.22
C VAL A 202 10.88 -0.29 14.69
N GLU A 203 10.00 -0.33 13.68
CA GLU A 203 9.50 -1.57 13.09
C GLU A 203 10.61 -2.22 12.26
N GLN A 204 10.80 -3.54 12.42
CA GLN A 204 11.80 -4.34 11.70
C GLN A 204 11.35 -5.82 11.68
N HIS A 205 11.67 -6.57 10.60
CA HIS A 205 11.22 -7.96 10.48
C HIS A 205 12.36 -8.97 10.26
N LEU A 206 13.59 -8.59 10.63
CA LEU A 206 14.78 -9.43 10.46
C LEU A 206 14.87 -10.46 11.56
N ASN A 207 14.58 -11.74 11.23
CA ASN A 207 14.94 -12.86 12.09
C ASN A 207 16.47 -13.00 12.01
N SER A 208 17.02 -13.90 12.83
CA SER A 208 18.48 -14.03 12.87
C SER A 208 19.00 -14.86 11.69
N SER A 209 18.13 -15.51 10.88
CA SER A 209 18.55 -16.09 9.60
C SER A 209 18.54 -15.04 8.47
N ASP A 210 17.70 -14.01 8.60
CA ASP A 210 17.78 -12.84 7.72
C ASP A 210 19.13 -12.14 7.93
N ILE A 211 19.58 -12.00 9.20
CA ILE A 211 20.80 -11.26 9.55
C ILE A 211 22.07 -12.03 9.15
N HIS A 212 22.06 -13.38 9.29
CA HIS A 212 23.19 -14.22 8.85
C HIS A 212 23.32 -14.18 7.32
N HIS A 213 22.20 -14.26 6.59
CA HIS A 213 22.18 -14.22 5.13
C HIS A 213 21.92 -12.80 4.59
N ILE A 214 22.06 -11.76 5.45
CA ILE A 214 21.68 -10.41 5.07
C ILE A 214 22.43 -10.00 3.81
N ASN A 215 23.60 -10.63 3.60
CA ASN A 215 24.47 -10.32 2.48
C ASN A 215 23.93 -10.86 1.17
N GLU A 216 23.12 -11.93 1.21
CA GLU A 216 22.45 -12.47 0.04
C GLU A 216 21.26 -11.58 -0.33
N ILE A 217 20.55 -11.14 0.73
CA ILE A 217 19.28 -10.46 0.58
C ILE A 217 19.52 -9.03 0.06
N LYS A 218 20.52 -8.32 0.58
CA LYS A 218 20.74 -6.91 0.27
C LYS A 218 21.54 -6.80 -1.03
N ARG A 219 21.03 -5.99 -1.96
CA ARG A 219 21.69 -5.75 -3.23
C ARG A 219 22.63 -4.58 -3.00
N GLN A 220 23.91 -4.85 -3.22
CA GLN A 220 24.97 -4.00 -2.69
C GLN A 220 24.99 -2.65 -3.38
N ASN A 221 24.46 -2.53 -4.61
CA ASN A 221 24.48 -1.22 -5.26
C ASN A 221 23.05 -0.63 -5.39
N GLN A 222 22.15 -0.99 -4.46
CA GLN A 222 20.82 -0.42 -4.40
C GLN A 222 20.69 0.68 -3.32
N SER A 223 20.37 1.89 -3.79
CA SER A 223 20.01 3.00 -2.93
C SER A 223 18.53 3.32 -3.06
N LEU A 224 17.96 3.81 -1.97
CA LEU A 224 16.57 4.27 -1.93
C LEU A 224 16.51 5.71 -1.44
N VAL A 225 15.72 6.58 -2.10
CA VAL A 225 15.56 7.96 -1.67
C VAL A 225 14.48 8.03 -0.58
N TYR A 226 14.78 8.80 0.48
CA TYR A 226 13.84 9.21 1.52
C TYR A 226 13.10 10.47 1.06
N GLY A 227 11.77 10.39 0.98
CA GLY A 227 11.03 11.50 0.38
C GLY A 227 9.85 11.06 -0.49
N LYS A 228 8.65 11.03 0.14
CA LYS A 228 7.40 10.47 -0.36
C LYS A 228 6.72 11.35 -1.40
N VAL A 229 6.99 12.66 -1.38
CA VAL A 229 6.32 13.61 -2.27
C VAL A 229 7.39 14.36 -3.07
N ASP A 230 6.94 14.85 -4.26
CA ASP A 230 7.79 15.43 -5.28
C ASP A 230 8.56 16.68 -4.80
N SER A 231 7.95 17.49 -3.91
CA SER A 231 8.50 18.80 -3.55
C SER A 231 9.91 18.67 -2.96
N VAL A 232 10.13 17.62 -2.13
CA VAL A 232 11.34 17.40 -1.36
C VAL A 232 12.57 17.19 -2.23
N TRP A 233 12.38 16.93 -3.54
CA TRP A 233 13.42 16.61 -4.52
C TRP A 233 14.00 17.83 -5.28
N LYS A 234 13.51 19.07 -5.02
CA LYS A 234 13.98 20.25 -5.76
C LYS A 234 15.48 20.48 -5.52
N ASN A 235 16.27 20.62 -6.60
CA ASN A 235 17.68 21.00 -6.57
C ASN A 235 18.57 19.93 -5.90
N LYS A 236 18.36 18.64 -6.21
CA LYS A 236 19.15 17.57 -5.61
C LYS A 236 20.00 16.82 -6.63
N LYS A 237 20.04 17.30 -7.87
CA LYS A 237 20.38 16.47 -9.01
C LYS A 237 21.86 16.11 -8.98
N ILE A 238 22.72 17.07 -8.57
CA ILE A 238 24.16 16.85 -8.46
C ILE A 238 24.45 15.71 -7.48
N TYR A 239 23.74 15.79 -6.33
CA TYR A 239 23.87 14.82 -5.26
C TYR A 239 23.44 13.46 -5.80
N LEU A 240 22.22 13.39 -6.35
CA LEU A 240 21.66 12.12 -6.84
C LEU A 240 22.56 11.54 -7.93
N ASP A 241 23.10 12.40 -8.81
CA ASP A 241 23.96 11.93 -9.89
C ASP A 241 25.23 11.28 -9.33
N ILE A 242 25.83 11.90 -8.30
CA ILE A 242 27.03 11.32 -7.68
C ILE A 242 26.70 9.92 -7.14
N ILE A 243 25.56 9.79 -6.46
CA ILE A 243 25.09 8.51 -5.98
C ILE A 243 24.85 7.51 -7.13
N HIS A 244 24.10 7.93 -8.16
CA HIS A 244 23.81 7.14 -9.36
C HIS A 244 25.07 6.68 -10.11
N THR A 245 26.24 7.31 -9.93
CA THR A 245 27.49 6.81 -10.50
C THR A 245 27.84 5.43 -9.94
N TYR A 246 27.43 5.16 -8.70
CA TYR A 246 27.82 3.98 -7.95
C TYR A 246 26.65 3.03 -7.71
N MET A 247 25.42 3.56 -7.64
CA MET A 247 24.30 2.75 -7.20
C MET A 247 23.10 3.06 -8.09
N GLU A 248 22.21 2.09 -8.25
CA GLU A 248 20.86 2.38 -8.71
C GLU A 248 20.19 3.27 -7.66
N VAL A 249 19.26 4.10 -8.10
CA VAL A 249 18.52 4.98 -7.24
C VAL A 249 17.04 4.65 -7.43
N HIS A 250 16.43 4.22 -6.33
CA HIS A 250 15.04 3.85 -6.23
C HIS A 250 14.29 4.94 -5.45
N ALA A 251 12.96 4.97 -5.60
CA ALA A 251 12.10 5.87 -4.82
C ALA A 251 10.75 5.25 -4.48
N THR A 252 10.09 5.77 -3.42
CA THR A 252 8.70 5.47 -3.14
C THR A 252 7.92 6.77 -3.10
N VAL A 253 7.43 7.21 -4.27
CA VAL A 253 6.86 8.55 -4.39
C VAL A 253 5.42 8.46 -4.87
N TYR A 254 4.48 9.09 -4.10
CA TYR A 254 3.11 9.44 -4.50
C TYR A 254 3.14 10.76 -5.27
N THR A 258 5.30 14.05 -10.84
CA THR A 258 6.77 13.97 -10.65
C THR A 258 7.47 14.78 -11.77
N LYS A 259 7.85 16.01 -11.40
CA LYS A 259 8.69 16.88 -12.22
C LYS A 259 10.11 16.92 -11.66
N ASN A 260 10.30 16.67 -10.34
CA ASN A 260 11.59 16.83 -9.69
C ASN A 260 12.50 15.60 -9.80
N ILE A 261 11.93 14.42 -10.14
CA ILE A 261 12.64 13.15 -10.04
C ILE A 261 13.25 12.79 -11.41
N PRO A 262 14.61 12.67 -11.53
CA PRO A 262 15.24 12.25 -12.79
C PRO A 262 14.74 10.91 -13.37
N SER A 263 14.89 10.81 -14.69
CA SER A 263 14.50 9.67 -15.50
C SER A 263 15.12 8.35 -15.01
N TYR A 264 16.36 8.37 -14.47
CA TYR A 264 17.06 7.16 -14.01
C TYR A 264 16.49 6.60 -12.70
N VAL A 265 15.78 7.38 -11.91
CA VAL A 265 15.21 6.89 -10.66
C VAL A 265 14.19 5.78 -10.93
N LYS A 266 14.17 4.73 -10.12
CA LYS A 266 13.24 3.63 -10.26
C LYS A 266 12.19 3.76 -9.14
N ASN A 267 10.97 4.15 -9.52
CA ASN A 267 9.89 4.39 -8.59
C ASN A 267 9.05 3.14 -8.32
N HIS A 268 8.67 2.95 -7.05
CA HIS A 268 7.88 1.81 -6.59
C HIS A 268 6.51 2.29 -6.08
N GLY A 269 6.28 3.61 -6.05
CA GLY A 269 5.07 4.15 -5.48
C GLY A 269 5.11 4.09 -3.95
N ILE A 270 4.03 4.52 -3.31
CA ILE A 270 3.87 4.35 -1.88
C ILE A 270 3.54 2.88 -1.63
N LEU A 271 4.28 2.29 -0.65
CA LEU A 271 4.24 0.88 -0.30
C LEU A 271 3.55 0.71 1.06
N SER A 272 2.74 -0.36 1.15
CA SER A 272 2.28 -0.92 2.42
C SER A 272 3.47 -1.18 3.35
N GLY A 273 3.24 -1.17 4.66
CA GLY A 273 4.30 -1.33 5.63
C GLY A 273 5.17 -2.57 5.36
N ARG A 274 4.51 -3.71 5.10
CA ARG A 274 5.22 -4.93 4.80
C ARG A 274 6.13 -4.77 3.58
N ASP A 275 5.59 -4.27 2.46
CA ASP A 275 6.34 -4.10 1.23
C ASP A 275 7.51 -3.13 1.41
N LEU A 276 7.28 -2.06 2.18
CA LEU A 276 8.31 -1.09 2.48
C LEU A 276 9.45 -1.78 3.24
N GLN A 277 9.12 -2.58 4.26
CA GLN A 277 10.10 -3.34 5.02
C GLN A 277 10.95 -4.28 4.14
N PHE A 278 10.35 -4.94 3.13
CA PHE A 278 11.11 -5.77 2.21
C PHE A 278 12.07 -4.93 1.35
N LEU A 279 11.61 -3.78 0.89
CA LEU A 279 12.42 -2.89 0.08
C LEU A 279 13.60 -2.40 0.92
N LEU A 280 13.37 -2.06 2.19
CA LEU A 280 14.47 -1.66 3.06
C LEU A 280 15.49 -2.79 3.24
N ARG A 281 15.00 -4.00 3.47
CA ARG A 281 15.85 -5.16 3.67
C ARG A 281 16.73 -5.41 2.45
N GLU A 282 16.24 -5.20 1.20
CA GLU A 282 17.11 -5.33 0.03
C GLU A 282 17.98 -4.09 -0.25
N THR A 283 17.89 -3.00 0.55
CA THR A 283 18.55 -1.73 0.21
C THR A 283 19.86 -1.56 0.98
N LYS A 284 20.92 -1.15 0.26
CA LYS A 284 22.19 -0.91 0.91
C LYS A 284 22.23 0.48 1.56
N LEU A 285 21.61 1.50 0.92
CA LEU A 285 21.80 2.91 1.26
C LEU A 285 20.49 3.70 1.16
N PHE A 286 20.08 4.30 2.27
CA PHE A 286 18.91 5.16 2.30
C PHE A 286 19.35 6.63 2.23
N VAL A 287 18.77 7.42 1.34
CA VAL A 287 19.40 8.68 0.95
C VAL A 287 18.50 9.81 1.44
N GLY A 288 19.02 10.61 2.39
CA GLY A 288 18.32 11.78 2.86
C GLY A 288 18.47 12.92 1.85
N LEU A 289 17.40 13.71 1.67
CA LEU A 289 17.42 14.87 0.78
C LEU A 289 17.43 16.20 1.55
N GLY A 290 17.22 16.18 2.87
CA GLY A 290 17.15 17.37 3.70
C GLY A 290 15.82 17.54 4.42
N LEU A 291 14.74 16.94 3.86
CA LEU A 291 13.40 17.01 4.43
C LEU A 291 12.79 15.62 4.31
N PRO A 292 11.89 15.18 5.20
CA PRO A 292 11.55 15.92 6.41
C PRO A 292 12.50 15.72 7.61
N TYR A 293 12.35 16.57 8.62
CA TYR A 293 13.26 16.69 9.74
C TYR A 293 12.81 15.67 10.79
N GLU A 294 13.77 14.97 11.40
CA GLU A 294 13.49 14.17 12.59
C GLU A 294 12.28 13.26 12.43
N GLY A 295 12.24 12.46 11.35
CA GLY A 295 11.19 11.47 11.26
C GLY A 295 11.64 10.07 11.71
N PRO A 296 10.71 9.09 11.68
CA PRO A 296 11.06 7.70 11.99
C PRO A 296 11.78 6.96 10.87
N ALA A 297 11.59 7.34 9.60
CA ALA A 297 11.92 6.44 8.51
C ALA A 297 13.42 6.08 8.48
N PRO A 298 14.34 7.02 8.78
CA PRO A 298 15.75 6.66 8.79
C PRO A 298 16.13 5.56 9.80
N LEU A 299 15.47 5.51 10.97
CA LEU A 299 15.75 4.51 12.00
C LEU A 299 15.25 3.15 11.52
N GLU A 300 14.06 3.12 10.91
CA GLU A 300 13.59 1.89 10.27
C GLU A 300 14.62 1.37 9.25
N ALA A 301 15.16 2.21 8.37
CA ALA A 301 16.21 1.76 7.44
C ALA A 301 17.46 1.19 8.13
N ILE A 302 17.88 1.83 9.24
CA ILE A 302 19.07 1.41 9.99
C ILE A 302 18.85 0.05 10.67
N ALA A 303 17.66 -0.16 11.19
CA ALA A 303 17.24 -1.42 11.78
C ALA A 303 17.27 -2.56 10.76
N ASN A 304 17.14 -2.21 9.46
CA ASN A 304 17.16 -3.18 8.39
C ASN A 304 18.55 -3.20 7.73
N GLY A 305 19.55 -2.53 8.26
CA GLY A 305 20.87 -2.77 7.72
C GLY A 305 21.25 -1.77 6.63
N CYS A 306 20.38 -0.78 6.34
CA CYS A 306 20.76 0.27 5.43
C CYS A 306 21.69 1.25 6.16
N ALA A 307 22.67 1.84 5.44
CA ALA A 307 23.30 3.06 5.93
C ALA A 307 22.38 4.20 5.56
N PHE A 308 22.49 5.30 6.30
CA PHE A 308 21.70 6.50 6.04
C PHE A 308 22.64 7.61 5.66
N LEU A 309 22.41 8.27 4.52
CA LEU A 309 23.14 9.46 4.13
C LEU A 309 22.35 10.70 4.60
N ASN A 310 22.91 11.39 5.61
CA ASN A 310 22.23 12.39 6.43
C ASN A 310 22.73 13.79 6.08
N PRO A 311 21.95 14.66 5.39
CA PRO A 311 22.42 15.98 5.00
C PRO A 311 22.81 16.85 6.21
N LYS A 312 24.02 17.41 6.17
CA LYS A 312 24.55 18.22 7.25
C LYS A 312 24.06 19.66 7.01
N PHE A 313 23.71 20.38 8.11
CA PHE A 313 23.18 21.74 8.03
C PHE A 313 24.18 22.66 8.73
N ASN A 314 24.90 23.39 7.91
CA ASN A 314 25.82 24.35 8.40
C ASN A 314 25.50 25.61 7.63
N PRO A 315 24.86 26.67 8.19
CA PRO A 315 24.58 26.79 9.61
C PRO A 315 23.45 25.85 9.99
N PRO A 316 23.27 25.49 11.30
CA PRO A 316 22.15 24.67 11.74
C PRO A 316 20.83 25.34 11.40
N LYS A 317 19.81 24.53 11.18
CA LYS A 317 18.53 25.12 10.85
C LYS A 317 17.70 25.29 12.13
N SER A 318 16.87 26.33 12.14
CA SER A 318 16.10 26.84 13.27
C SER A 318 15.13 27.93 12.76
N SER A 319 14.34 28.49 13.69
CA SER A 319 13.52 29.68 13.52
C SER A 319 14.29 30.87 12.96
N LYS A 320 15.58 30.99 13.23
CA LYS A 320 16.33 32.09 12.69
C LYS A 320 16.45 32.03 11.16
N ASN A 321 16.28 30.86 10.54
CA ASN A 321 16.70 30.79 9.15
C ASN A 321 15.83 29.88 8.27
N THR A 322 14.76 29.26 8.80
CA THR A 322 13.99 28.25 8.09
C THR A 322 12.51 28.39 8.43
N ASP A 323 11.69 28.58 7.41
CA ASP A 323 10.29 28.99 7.56
C ASP A 323 9.50 27.97 8.39
N PHE A 324 9.81 26.68 8.17
CA PHE A 324 9.18 25.58 8.87
C PHE A 324 9.25 25.74 10.38
N PHE A 325 10.37 26.26 10.86
CA PHE A 325 10.64 26.45 12.27
C PHE A 325 10.02 27.74 12.83
N ILE A 326 9.66 28.77 12.05
CA ILE A 326 9.18 30.01 12.63
C ILE A 326 7.90 29.70 13.41
N GLY A 327 7.69 30.29 14.56
CA GLY A 327 6.47 29.95 15.30
C GLY A 327 6.45 28.64 16.11
N LYS A 328 7.41 27.71 15.95
CA LYS A 328 7.53 26.58 16.88
C LYS A 328 8.08 27.01 18.25
N PRO A 329 7.64 26.44 19.39
CA PRO A 329 7.96 27.01 20.72
C PRO A 329 9.28 26.59 21.32
N THR A 330 10.34 26.82 20.52
CA THR A 330 11.70 26.36 20.76
C THR A 330 12.65 27.14 19.86
N LEU A 331 13.91 27.35 20.28
CA LEU A 331 14.95 27.95 19.49
C LEU A 331 15.97 26.90 19.12
N ARG A 332 15.65 25.62 19.37
CA ARG A 332 16.59 24.55 19.11
C ARG A 332 17.08 24.57 17.64
N GLU A 333 18.41 24.38 17.45
CA GLU A 333 19.07 24.26 16.15
C GLU A 333 19.35 22.81 15.76
N LEU A 334 18.93 22.38 14.58
CA LEU A 334 19.22 21.06 14.01
C LEU A 334 20.54 21.07 13.23
N THR A 335 21.49 20.20 13.60
CA THR A 335 22.78 20.17 12.90
C THR A 335 22.74 19.33 11.61
N SER A 336 21.61 18.67 11.32
CA SER A 336 21.46 17.73 10.19
C SER A 336 19.99 17.38 10.08
N GLN A 337 19.61 16.59 9.05
CA GLN A 337 18.22 16.22 8.86
C GLN A 337 17.68 15.43 10.03
N HIS A 338 18.57 14.61 10.64
CA HIS A 338 18.17 13.68 11.68
C HIS A 338 19.26 13.76 12.75
N PRO A 339 19.28 14.80 13.62
CA PRO A 339 20.34 14.97 14.62
C PRO A 339 20.59 13.79 15.57
N TYR A 340 19.52 13.07 15.90
CA TYR A 340 19.59 11.87 16.72
C TYR A 340 20.48 10.82 16.03
N ALA A 341 20.15 10.50 14.75
CA ALA A 341 20.93 9.60 13.91
C ALA A 341 22.39 10.04 13.85
N GLU A 342 22.61 11.34 13.72
CA GLU A 342 23.95 11.89 13.57
C GLU A 342 24.70 11.67 14.87
N VAL A 343 24.09 12.04 16.00
CA VAL A 343 24.85 12.14 17.25
C VAL A 343 24.85 10.85 18.04
N PHE A 344 23.72 10.17 18.14
CA PHE A 344 23.63 8.99 18.99
C PHE A 344 23.84 7.69 18.21
N ILE A 345 23.83 7.69 16.85
CA ILE A 345 24.18 6.50 16.08
C ILE A 345 25.52 6.65 15.35
N GLY A 346 25.66 7.59 14.42
CA GLY A 346 26.92 7.83 13.75
C GLY A 346 27.37 6.71 12.80
N ARG A 347 28.61 6.85 12.30
CA ARG A 347 29.23 5.92 11.36
C ARG A 347 29.37 4.59 12.05
N PRO A 348 29.25 3.41 11.39
CA PRO A 348 28.99 3.31 9.93
C PRO A 348 27.55 3.31 9.47
N HIS A 349 26.59 3.41 10.39
CA HIS A 349 25.18 3.42 10.06
C HIS A 349 24.73 4.77 9.41
N VAL A 350 25.38 5.89 9.80
CA VAL A 350 24.91 7.24 9.51
C VAL A 350 26.13 8.03 9.06
N TRP A 351 26.08 8.53 7.84
CA TRP A 351 27.09 9.39 7.27
C TRP A 351 26.48 10.78 7.09
N THR A 352 26.87 11.72 7.95
CA THR A 352 26.36 13.09 7.92
C THR A 352 27.27 13.93 7.03
N VAL A 353 26.75 14.40 5.89
CA VAL A 353 27.59 14.95 4.86
C VAL A 353 26.95 16.21 4.25
N ASP A 354 27.85 17.13 3.89
CA ASP A 354 27.58 18.35 3.13
C ASP A 354 27.16 17.94 1.71
N LEU A 355 25.87 18.03 1.45
CA LEU A 355 25.34 17.80 0.11
C LEU A 355 26.09 18.51 -1.01
N ASN A 356 26.75 19.64 -0.72
CA ASN A 356 27.40 20.48 -1.71
C ASN A 356 28.89 20.19 -1.85
N ASN A 357 29.42 19.27 -1.01
CA ASN A 357 30.79 18.77 -1.12
C ASN A 357 30.77 17.46 -1.93
N GLN A 358 30.99 17.58 -3.23
CA GLN A 358 30.95 16.43 -4.13
C GLN A 358 31.94 15.34 -3.68
N GLU A 359 33.16 15.77 -3.31
CA GLU A 359 34.24 14.87 -2.89
C GLU A 359 33.80 14.03 -1.65
N GLU A 360 33.16 14.72 -0.68
CA GLU A 360 32.74 14.10 0.57
C GLU A 360 31.57 13.13 0.32
N VAL A 361 30.61 13.53 -0.54
CA VAL A 361 29.49 12.66 -0.91
C VAL A 361 30.03 11.40 -1.58
N GLU A 362 30.97 11.57 -2.53
CA GLU A 362 31.47 10.46 -3.32
C GLU A 362 32.21 9.51 -2.38
N ASP A 363 33.04 10.04 -1.45
CA ASP A 363 33.75 9.21 -0.48
C ASP A 363 32.76 8.45 0.40
N ALA A 364 31.66 9.07 0.82
CA ALA A 364 30.69 8.37 1.64
C ALA A 364 30.00 7.26 0.83
N VAL A 365 29.68 7.48 -0.44
CA VAL A 365 29.00 6.45 -1.20
C VAL A 365 29.92 5.26 -1.39
N LYS A 366 31.17 5.52 -1.76
CA LYS A 366 32.12 4.44 -2.00
C LYS A 366 32.36 3.67 -0.68
N ALA A 367 32.44 4.38 0.43
CA ALA A 367 32.59 3.76 1.75
C ALA A 367 31.43 2.82 2.04
N ILE A 368 30.21 3.33 1.88
CA ILE A 368 29.02 2.61 2.28
C ILE A 368 28.93 1.33 1.44
N LEU A 369 29.18 1.50 0.13
CA LEU A 369 29.27 0.38 -0.79
C LEU A 369 30.19 -0.70 -0.25
N ASN A 370 31.30 -0.32 0.41
CA ASN A 370 32.29 -1.25 0.91
C ASN A 370 32.07 -1.73 2.35
N GLN A 371 31.03 -1.26 3.04
CA GLN A 371 30.81 -1.58 4.44
C GLN A 371 30.17 -2.95 4.63
N LYS A 372 30.54 -3.70 5.72
CA LYS A 372 29.76 -4.86 6.12
C LYS A 372 28.42 -4.41 6.71
N ILE A 373 27.38 -5.15 6.35
CA ILE A 373 26.02 -4.91 6.80
C ILE A 373 25.94 -5.25 8.29
N GLU A 374 25.43 -4.34 9.08
CA GLU A 374 25.30 -4.47 10.52
C GLU A 374 23.95 -3.84 10.97
N PRO A 375 22.80 -4.56 10.88
CA PRO A 375 21.53 -4.04 11.36
C PRO A 375 21.62 -3.55 12.81
N TYR A 376 21.02 -2.40 13.17
CA TYR A 376 21.18 -1.80 14.49
C TYR A 376 19.93 -1.04 14.93
N MET A 377 19.56 -1.18 16.21
CA MET A 377 18.51 -0.38 16.83
C MET A 377 18.98 0.06 18.21
N PRO A 378 18.93 1.35 18.60
CA PRO A 378 19.13 1.72 19.98
C PRO A 378 18.02 1.07 20.80
N TYR A 379 18.37 0.63 22.02
CA TYR A 379 17.48 -0.06 22.92
C TYR A 379 16.24 0.79 23.18
N GLU A 380 16.39 2.09 23.36
CA GLU A 380 15.26 2.94 23.65
C GLU A 380 14.17 2.94 22.57
N PHE A 381 14.46 2.48 21.33
CA PHE A 381 13.46 2.36 20.30
C PHE A 381 13.02 0.90 20.09
N THR A 382 13.31 -0.04 20.99
CA THR A 382 12.71 -1.35 20.89
C THR A 382 11.37 -1.33 21.63
N CYS A 383 10.59 -2.38 21.45
CA CYS A 383 9.39 -2.56 22.25
C CYS A 383 9.73 -2.58 23.76
N GLU A 384 10.73 -3.38 24.17
CA GLU A 384 10.99 -3.56 25.58
C GLU A 384 11.48 -2.25 26.16
N GLY A 385 12.39 -1.60 25.43
CA GLY A 385 12.94 -0.35 25.90
C GLY A 385 11.91 0.77 25.99
N MET A 386 10.92 0.84 25.07
CA MET A 386 9.85 1.82 25.17
C MET A 386 8.93 1.48 26.34
N LEU A 387 8.64 0.19 26.55
CA LEU A 387 7.82 -0.24 27.68
C LEU A 387 8.46 0.18 29.01
N GLN A 388 9.77 0.02 29.13
CA GLN A 388 10.48 0.33 30.36
C GLN A 388 10.39 1.84 30.64
N ARG A 389 10.60 2.62 29.57
CA ARG A 389 10.63 4.08 29.66
C ARG A 389 9.27 4.60 30.11
N ILE A 390 8.21 4.22 29.43
CA ILE A 390 6.89 4.71 29.73
C ILE A 390 6.41 4.14 31.06
N ASN A 391 6.86 2.94 31.42
CA ASN A 391 6.43 2.36 32.68
C ASN A 391 7.05 3.19 33.79
N ALA A 392 8.33 3.52 33.62
CA ALA A 392 8.99 4.38 34.61
C ALA A 392 8.29 5.73 34.76
N PHE A 393 7.91 6.34 33.62
CA PHE A 393 7.27 7.63 33.67
C PHE A 393 5.93 7.54 34.41
N ILE A 394 5.08 6.55 34.09
CA ILE A 394 3.78 6.46 34.74
C ILE A 394 3.96 6.25 36.26
N GLU A 395 4.94 5.44 36.69
CA GLU A 395 5.07 5.08 38.08
C GLU A 395 5.78 6.16 38.87
N LYS A 396 6.61 6.97 38.27
CA LYS A 396 7.57 7.78 39.00
C LYS A 396 7.48 9.28 38.69
N GLN A 397 6.85 9.72 37.61
CA GLN A 397 6.72 11.17 37.36
C GLN A 397 5.48 11.71 38.01
N ASP A 398 5.62 12.66 38.93
CA ASP A 398 4.46 13.25 39.57
C ASP A 398 4.64 14.75 39.68
N PHE A 399 3.79 15.50 38.96
CA PHE A 399 3.87 16.95 38.94
C PHE A 399 2.77 17.53 39.83
N CYS A 400 2.00 16.70 40.56
CA CYS A 400 0.82 17.16 41.26
C CYS A 400 1.13 17.53 42.73
N HIS A 401 1.74 16.60 43.51
CA HIS A 401 2.04 16.72 44.94
C HIS A 401 3.25 17.65 45.18
N MET A 405 10.39 12.96 45.03
CA MET A 405 11.60 13.49 44.35
C MET A 405 12.10 12.47 43.29
N TRP A 406 11.86 12.72 41.98
CA TRP A 406 12.33 11.82 40.95
C TRP A 406 12.71 12.62 39.71
N PRO A 407 13.94 12.54 39.17
CA PRO A 407 14.97 11.60 39.64
C PRO A 407 15.45 11.92 41.05
N PRO A 408 16.06 10.94 41.71
CA PRO A 408 16.60 11.14 43.04
C PRO A 408 17.87 11.99 43.00
N LEU A 409 18.07 12.72 44.10
CA LEU A 409 19.09 13.75 44.20
C LEU A 409 20.48 13.16 44.01
N SER A 410 20.66 11.87 44.40
CA SER A 410 21.89 11.14 44.19
C SER A 410 22.37 11.11 42.75
N ALA A 411 21.51 11.38 41.75
CA ALA A 411 21.90 11.46 40.35
C ALA A 411 22.50 12.81 39.97
N LEU A 412 22.45 13.81 40.84
CA LEU A 412 22.83 15.17 40.45
C LEU A 412 24.35 15.24 40.26
N GLN A 413 24.83 15.73 39.12
CA GLN A 413 26.23 16.08 38.95
C GLN A 413 26.30 17.51 38.42
N VAL A 414 26.75 18.46 39.24
CA VAL A 414 26.74 19.87 38.87
C VAL A 414 27.88 20.16 37.91
N LYS A 415 27.64 20.99 36.91
CA LYS A 415 28.67 21.43 35.97
C LYS A 415 28.49 22.91 35.66
N LEU A 416 29.59 23.54 35.27
CA LEU A 416 29.65 24.96 34.95
C LEU A 416 29.78 25.11 33.45
N ALA A 417 28.74 25.68 32.83
CA ALA A 417 28.86 26.00 31.41
C ALA A 417 29.70 27.25 31.29
N GLU A 418 30.55 27.28 30.25
CA GLU A 418 31.33 28.48 29.96
C GLU A 418 30.38 29.53 29.35
N PRO A 419 30.78 30.81 29.29
CA PRO A 419 30.07 31.80 28.47
C PRO A 419 29.91 31.25 27.05
N GLY A 420 28.73 31.40 26.47
CA GLY A 420 28.48 30.92 25.11
C GLY A 420 28.04 29.47 25.05
N GLN A 421 27.94 28.77 26.18
CA GLN A 421 27.55 27.37 26.23
C GLN A 421 26.34 27.18 27.16
N SER A 422 25.34 26.44 26.66
CA SER A 422 24.12 26.12 27.41
C SER A 422 24.33 24.99 28.43
N CYS A 423 23.39 24.81 29.38
CA CYS A 423 23.40 23.66 30.28
C CYS A 423 23.25 22.38 29.45
N LYS A 424 22.41 22.40 28.37
CA LYS A 424 22.26 21.26 27.50
C LYS A 424 23.67 20.75 27.10
N GLN A 425 24.47 21.68 26.56
CA GLN A 425 25.78 21.40 26.00
C GLN A 425 26.77 20.88 27.05
N VAL A 426 26.95 21.58 28.19
CA VAL A 426 28.04 21.19 29.08
C VAL A 426 27.78 19.78 29.65
N CYS A 427 26.52 19.47 29.92
CA CYS A 427 26.13 18.13 30.35
C CYS A 427 26.50 17.11 29.28
N GLN A 428 26.08 17.35 28.04
CA GLN A 428 26.34 16.43 26.95
C GLN A 428 27.85 16.18 26.74
N GLU A 429 28.68 17.22 26.89
CA GLU A 429 30.11 17.10 26.66
C GLU A 429 30.78 16.17 27.69
N SER A 430 30.22 16.01 28.90
CA SER A 430 30.72 15.03 29.85
C SER A 430 29.90 13.74 29.81
N GLN A 431 29.28 13.42 28.67
CA GLN A 431 28.44 12.24 28.51
C GLN A 431 27.33 12.18 29.55
N LEU A 432 26.81 13.34 30.00
CA LEU A 432 25.65 13.41 30.87
C LEU A 432 24.51 14.02 30.05
N ILE A 433 23.36 14.24 30.71
CA ILE A 433 22.24 14.97 30.14
C ILE A 433 21.69 15.88 31.23
N CYS A 434 21.26 17.08 30.81
CA CYS A 434 20.72 18.09 31.73
C CYS A 434 19.44 17.55 32.33
N GLU A 435 19.29 17.80 33.61
CA GLU A 435 18.14 17.34 34.37
C GLU A 435 17.44 18.54 35.01
N PRO A 436 16.38 19.10 34.38
CA PRO A 436 15.81 20.37 34.89
C PRO A 436 15.19 20.29 36.30
N SER A 437 14.85 19.09 36.78
CA SER A 437 14.26 18.93 38.10
C SER A 437 15.27 19.25 39.23
N PHE A 438 16.57 19.35 38.93
CA PHE A 438 17.56 19.65 39.94
C PHE A 438 17.93 21.14 39.99
N PHE A 439 17.36 22.02 39.13
CA PHE A 439 17.68 23.43 39.20
C PHE A 439 17.33 24.00 40.57
N GLN A 440 16.21 23.55 41.16
CA GLN A 440 15.75 24.03 42.46
C GLN A 440 16.83 23.78 43.54
N HIS A 441 17.69 22.75 43.44
CA HIS A 441 18.71 22.51 44.46
C HIS A 441 19.95 23.36 44.27
N LEU A 442 20.08 24.14 43.19
CA LEU A 442 21.28 24.97 43.11
C LEU A 442 20.95 26.47 42.93
N ASN A 443 20.01 26.98 43.72
CA ASN A 443 19.49 28.31 43.50
C ASN A 443 19.57 29.18 44.76
N LYS A 444 20.61 29.03 45.62
CA LYS A 444 20.75 29.72 46.90
C LYS A 444 22.24 29.75 47.34
N ASP A 445 22.62 30.71 48.21
CA ASP A 445 24.01 30.98 48.60
C ASP A 445 24.68 29.73 49.16
N LYS A 446 24.04 29.15 50.20
CA LYS A 446 24.44 27.91 50.87
C LYS A 446 24.78 26.83 49.84
N ASP A 447 23.79 26.53 48.98
CA ASP A 447 23.83 25.42 48.05
C ASP A 447 25.03 25.57 47.11
N MET A 448 25.35 26.80 46.69
CA MET A 448 26.49 27.03 45.80
C MET A 448 27.82 26.60 46.43
N LEU A 449 28.04 26.99 47.71
CA LEU A 449 29.29 26.75 48.45
C LEU A 449 29.71 25.29 48.25
N LYS A 450 28.75 24.41 48.54
CA LYS A 450 28.84 22.97 48.30
C LYS A 450 29.55 22.66 46.98
N TYR A 451 29.08 23.23 45.85
CA TYR A 451 29.61 22.86 44.54
C TYR A 451 30.82 23.73 44.15
N LYS A 452 31.55 24.30 45.14
CA LYS A 452 32.89 24.89 44.98
C LYS A 452 32.83 26.20 44.17
N VAL A 453 31.76 26.98 44.39
CA VAL A 453 31.61 28.33 43.88
C VAL A 453 31.11 29.18 45.05
N THR A 454 31.76 30.33 45.30
CA THR A 454 31.45 31.18 46.43
C THR A 454 30.83 32.47 45.92
N CYS A 455 29.66 32.80 46.49
CA CYS A 455 28.91 34.00 46.16
C CYS A 455 29.37 35.16 47.02
N GLN A 456 30.17 36.07 46.44
CA GLN A 456 30.58 37.32 47.09
C GLN A 456 29.47 38.37 47.02
N SER A 457 28.52 38.21 46.10
CA SER A 457 27.31 38.99 46.09
C SER A 457 26.28 38.28 45.21
N SER A 458 25.01 38.26 45.62
CA SER A 458 23.92 37.74 44.82
C SER A 458 22.89 38.84 44.51
N GLU A 459 22.12 38.62 43.43
CA GLU A 459 20.83 39.28 43.23
C GLU A 459 19.90 38.26 42.55
N LEU A 460 18.59 38.57 42.54
CA LEU A 460 17.59 37.77 41.86
C LEU A 460 17.43 38.29 40.46
N ALA A 461 17.04 37.40 39.53
CA ALA A 461 16.57 37.82 38.22
C ALA A 461 15.62 36.78 37.67
N LYS A 462 14.73 37.27 36.79
CA LYS A 462 13.75 36.43 36.12
C LYS A 462 14.19 36.24 34.68
N ASP A 463 14.97 35.17 34.46
CA ASP A 463 15.67 34.96 33.21
C ASP A 463 15.95 33.46 33.08
N ILE A 464 15.79 32.94 31.85
CA ILE A 464 16.11 31.55 31.58
C ILE A 464 17.60 31.25 31.79
N LEU A 465 18.50 32.26 31.82
CA LEU A 465 19.94 32.02 31.81
C LEU A 465 20.56 31.92 33.20
N VAL A 466 19.74 31.75 34.23
CA VAL A 466 20.19 31.83 35.60
C VAL A 466 19.71 30.59 36.34
N PRO A 467 20.38 30.06 37.39
CA PRO A 467 21.51 30.70 38.06
C PRO A 467 22.84 30.81 37.29
N SER A 468 23.48 31.96 37.49
CA SER A 468 24.71 32.32 36.81
C SER A 468 25.78 32.79 37.84
N PHE A 469 27.03 32.71 37.40
CA PHE A 469 28.19 32.99 38.24
C PHE A 469 29.23 33.69 37.38
N ASP A 470 29.71 34.84 37.89
CA ASP A 470 30.84 35.56 37.33
C ASP A 470 32.07 35.21 38.16
N PRO A 471 33.03 34.40 37.63
CA PRO A 471 34.24 34.05 38.38
C PRO A 471 35.19 35.21 38.69
N LYS A 472 35.26 36.24 37.81
CA LYS A 472 36.06 37.45 38.01
C LYS A 472 35.57 38.22 39.24
N ASN A 473 34.26 38.46 39.31
CA ASN A 473 33.65 39.30 40.35
C ASN A 473 33.11 38.48 41.52
N LYS A 474 33.10 37.14 41.40
CA LYS A 474 32.48 36.29 42.38
C LYS A 474 31.03 36.73 42.65
N HIS A 475 30.31 37.09 41.57
CA HIS A 475 28.93 37.57 41.63
C HIS A 475 27.93 36.53 41.10
N CYS A 476 26.93 36.18 41.94
CA CYS A 476 25.96 35.13 41.65
C CYS A 476 24.57 35.73 41.48
N VAL A 477 23.88 35.28 40.42
CA VAL A 477 22.47 35.59 40.14
C VAL A 477 21.64 34.29 40.21
N PHE A 478 20.53 34.40 40.94
CA PHE A 478 19.64 33.31 41.26
C PHE A 478 18.30 33.56 40.56
N GLN A 479 17.59 32.46 40.34
CA GLN A 479 16.33 32.49 39.64
C GLN A 479 15.25 33.08 40.56
N GLY A 480 14.54 34.12 40.03
CA GLY A 480 13.41 34.73 40.70
C GLY A 480 12.09 34.09 40.33
N ASP A 481 12.01 33.37 39.21
CA ASP A 481 10.77 32.78 38.72
C ASP A 481 11.07 31.35 38.35
N LEU A 482 10.52 30.42 39.12
CA LEU A 482 10.97 29.02 39.10
C LEU A 482 10.45 28.31 37.82
N LEU A 483 9.41 28.87 37.20
CA LEU A 483 9.00 28.42 35.89
C LEU A 483 10.01 28.80 34.77
N LEU A 484 11.00 29.69 35.04
CA LEU A 484 12.01 29.98 34.02
C LEU A 484 13.27 29.11 34.08
N PHE A 485 13.41 28.11 34.98
CA PHE A 485 14.57 27.22 34.91
C PHE A 485 14.65 26.59 33.52
N SER A 486 15.88 26.47 32.98
CA SER A 486 16.03 26.19 31.55
C SER A 486 17.36 25.54 31.23
N CYS A 487 17.30 24.28 30.76
CA CYS A 487 18.49 23.65 30.19
C CYS A 487 18.96 24.42 28.95
N ALA A 488 18.01 24.87 28.11
CA ALA A 488 18.31 25.69 26.92
C ALA A 488 18.86 27.05 27.32
N GLY A 489 19.82 27.57 26.53
CA GLY A 489 20.25 28.97 26.63
C GLY A 489 21.66 29.10 27.17
N ALA A 490 22.51 29.86 26.46
CA ALA A 490 23.87 30.12 26.91
C ALA A 490 23.99 31.57 27.37
N HIS A 491 24.79 31.81 28.41
CA HIS A 491 24.99 33.17 28.87
C HIS A 491 26.08 33.79 28.00
N PRO A 492 25.93 35.03 27.50
CA PRO A 492 26.94 35.63 26.63
C PRO A 492 28.26 35.95 27.33
N ARG A 493 28.25 36.15 28.67
CA ARG A 493 29.44 36.60 29.36
C ARG A 493 29.73 35.92 30.71
N HIS A 494 28.70 35.37 31.38
CA HIS A 494 28.84 34.70 32.66
C HIS A 494 28.82 33.18 32.50
N GLN A 495 29.10 32.45 33.58
CA GLN A 495 28.97 31.01 33.61
C GLN A 495 27.61 30.62 34.16
N ARG A 496 27.05 29.49 33.66
CA ARG A 496 25.84 28.95 34.23
C ARG A 496 26.20 27.78 35.12
N VAL A 497 25.42 27.65 36.22
CA VAL A 497 25.41 26.51 37.12
C VAL A 497 24.35 25.54 36.62
N CYS A 498 24.79 24.34 36.22
CA CYS A 498 23.99 23.43 35.41
C CYS A 498 23.77 22.11 36.12
N PRO A 499 22.52 21.60 36.20
CA PRO A 499 22.26 20.27 36.75
C PRO A 499 22.33 19.19 35.67
N CYS A 500 23.25 18.27 35.89
CA CYS A 500 23.38 17.10 35.05
C CYS A 500 22.95 15.82 35.80
N ARG A 501 22.56 14.81 35.01
CA ARG A 501 22.48 13.44 35.49
C ARG A 501 23.13 12.49 34.49
N ASP A 502 23.49 11.30 35.03
CA ASP A 502 23.80 10.11 34.28
C ASP A 502 22.55 9.54 33.61
N PHE A 503 22.83 8.66 32.66
CA PHE A 503 21.82 7.91 31.94
C PHE A 503 22.30 6.48 31.67
N ILE A 504 21.33 5.59 31.60
CA ILE A 504 21.52 4.22 31.12
C ILE A 504 21.95 4.20 29.65
N LYS A 505 22.90 3.31 29.32
CA LYS A 505 23.24 2.95 27.94
C LYS A 505 21.96 2.67 27.14
N GLY A 506 21.76 3.44 26.04
CA GLY A 506 20.66 3.22 25.11
C GLY A 506 19.28 3.57 25.66
N GLN A 507 19.25 4.32 26.76
CA GLN A 507 18.00 4.68 27.44
C GLN A 507 18.22 6.02 28.15
N VAL A 508 18.39 7.09 27.34
CA VAL A 508 18.82 8.43 27.82
C VAL A 508 17.79 9.09 28.74
N ALA A 509 16.52 8.68 28.69
CA ALA A 509 15.48 9.26 29.52
C ALA A 509 15.60 8.87 30.99
N LEU A 510 16.37 7.85 31.33
CA LEU A 510 16.33 7.28 32.66
C LEU A 510 17.73 7.31 33.25
N CYS A 511 17.87 7.83 34.49
CA CYS A 511 19.12 7.73 35.23
C CYS A 511 19.32 6.27 35.65
N LYS A 512 20.56 5.88 36.05
CA LYS A 512 20.86 4.53 36.56
C LYS A 512 19.89 4.12 37.68
N ASP A 513 19.67 5.04 38.63
CA ASP A 513 18.85 4.77 39.79
C ASP A 513 17.40 5.18 39.61
N CYS A 514 16.88 5.25 38.38
CA CYS A 514 15.53 5.76 38.17
C CYS A 514 14.46 4.68 38.03
N LEU A 515 14.75 3.35 37.99
CA LEU A 515 13.76 2.35 37.56
C LEU A 515 12.69 1.86 38.58
N SER B 1 14.49 -31.47 -25.69
CA SER B 1 14.81 -30.54 -24.57
C SER B 1 13.50 -30.17 -23.86
N LEU B 2 13.30 -30.75 -22.68
CA LEU B 2 11.99 -30.86 -22.05
C LEU B 2 11.80 -29.80 -20.94
N ALA B 3 10.60 -29.21 -20.92
CA ALA B 3 10.26 -28.31 -19.83
C ALA B 3 10.32 -29.02 -18.48
N GLU B 4 10.86 -28.33 -17.46
CA GLU B 4 10.72 -28.71 -16.06
C GLU B 4 10.03 -27.58 -15.30
N ILE B 5 9.01 -27.92 -14.51
CA ILE B 5 8.34 -26.95 -13.67
C ILE B 5 9.34 -26.21 -12.76
N ARG B 6 9.05 -24.92 -12.49
CA ARG B 6 9.83 -24.11 -11.56
C ARG B 6 9.02 -23.91 -10.27
N THR B 7 9.71 -23.83 -9.12
CA THR B 7 9.04 -23.60 -7.84
C THR B 7 9.76 -22.51 -7.04
N ASP B 8 10.64 -21.78 -7.72
CA ASP B 8 11.39 -20.67 -7.16
C ASP B 8 11.19 -19.49 -8.13
N PHE B 9 11.03 -18.26 -7.63
CA PHE B 9 10.75 -17.09 -8.46
C PHE B 9 11.96 -16.18 -8.69
N ASN B 10 13.17 -16.49 -8.20
CA ASN B 10 14.27 -15.51 -8.27
C ASN B 10 14.64 -15.15 -9.69
N ILE B 11 14.69 -16.16 -10.56
CA ILE B 11 14.99 -15.93 -11.96
C ILE B 11 13.90 -15.08 -12.61
N LEU B 12 12.65 -15.31 -12.23
CA LEU B 12 11.55 -14.51 -12.75
C LEU B 12 11.72 -13.06 -12.28
N TYR B 13 12.04 -12.86 -11.01
CA TYR B 13 12.22 -11.51 -10.53
C TYR B 13 13.31 -10.77 -11.33
N SER B 14 14.42 -11.45 -11.61
CA SER B 14 15.51 -10.78 -12.28
C SER B 14 15.20 -10.51 -13.74
N MET B 15 14.21 -11.18 -14.34
CA MET B 15 13.80 -10.91 -15.71
C MET B 15 12.88 -9.69 -15.84
N MET B 16 12.09 -9.41 -14.80
CA MET B 16 11.06 -8.37 -14.83
C MET B 16 11.65 -7.08 -14.23
N LYS B 17 12.54 -6.43 -15.02
CA LYS B 17 13.30 -5.25 -14.64
C LYS B 17 13.00 -3.98 -15.49
N LYS B 18 13.33 -2.81 -14.94
CA LYS B 18 13.48 -1.53 -15.64
C LYS B 18 12.16 -0.84 -15.99
N HIS B 19 10.99 -1.38 -15.65
CA HIS B 19 9.75 -0.66 -15.81
C HIS B 19 8.97 -0.71 -14.50
N GLU B 20 8.40 0.45 -14.13
CA GLU B 20 7.47 0.57 -13.01
C GLU B 20 6.37 -0.48 -13.02
N GLU B 21 5.82 -0.75 -14.20
CA GLU B 21 4.81 -1.76 -14.36
C GLU B 21 5.37 -3.12 -13.90
N PHE B 22 6.64 -3.43 -14.24
CA PHE B 22 7.26 -4.68 -13.84
C PHE B 22 7.45 -4.65 -12.34
N ARG B 23 7.72 -3.49 -11.71
CA ARG B 23 7.87 -3.47 -10.25
C ARG B 23 6.54 -3.76 -9.56
N TRP B 24 5.46 -3.27 -10.15
CA TRP B 24 4.12 -3.46 -9.64
C TRP B 24 3.75 -4.93 -9.73
N MET B 25 4.08 -5.54 -10.88
CA MET B 25 3.85 -6.96 -11.12
C MET B 25 4.65 -7.79 -10.11
N ARG B 26 5.90 -7.40 -9.79
CA ARG B 26 6.75 -8.13 -8.87
C ARG B 26 6.15 -8.16 -7.47
N LEU B 27 5.45 -7.10 -7.08
CA LEU B 27 4.79 -7.04 -5.79
C LEU B 27 3.61 -8.02 -5.79
N ARG B 28 2.78 -8.02 -6.85
CA ARG B 28 1.67 -8.95 -6.90
C ARG B 28 2.17 -10.40 -6.75
N ILE B 29 3.23 -10.75 -7.47
CA ILE B 29 3.77 -12.09 -7.47
C ILE B 29 4.18 -12.53 -6.06
N ARG B 30 4.87 -11.61 -5.33
CA ARG B 30 5.35 -11.88 -3.98
C ARG B 30 4.15 -12.16 -3.10
N ARG B 31 3.06 -11.41 -3.20
CA ARG B 31 1.87 -11.66 -2.38
C ARG B 31 1.24 -13.03 -2.70
N MET B 32 1.32 -13.45 -3.97
CA MET B 32 0.69 -14.70 -4.38
C MET B 32 1.61 -15.92 -4.51
N ALA B 33 2.87 -15.82 -4.16
CA ALA B 33 3.87 -16.80 -4.55
C ALA B 33 3.56 -18.22 -4.04
N ASP B 34 3.20 -18.33 -2.77
CA ASP B 34 2.88 -19.60 -2.14
C ASP B 34 1.69 -20.26 -2.83
N ALA B 35 0.68 -19.49 -3.24
CA ALA B 35 -0.48 -20.06 -3.88
C ALA B 35 -0.08 -20.63 -5.23
N TRP B 36 0.81 -19.91 -5.94
CA TRP B 36 1.27 -20.27 -7.28
C TRP B 36 2.01 -21.61 -7.18
N ILE B 37 2.91 -21.67 -6.24
CA ILE B 37 3.81 -22.79 -6.08
C ILE B 37 3.05 -24.04 -5.65
N GLN B 38 2.10 -23.91 -4.71
CA GLN B 38 1.22 -25.02 -4.34
C GLN B 38 0.45 -25.48 -5.58
N ALA B 39 0.03 -24.52 -6.44
CA ALA B 39 -0.77 -24.84 -7.63
C ALA B 39 0.02 -25.56 -8.72
N ILE B 40 1.26 -25.21 -8.99
CA ILE B 40 1.97 -25.94 -10.04
C ILE B 40 2.25 -27.38 -9.56
N LYS B 41 2.58 -27.57 -8.28
CA LYS B 41 2.86 -28.91 -7.75
C LYS B 41 1.58 -29.73 -7.69
N SER B 42 0.47 -29.16 -7.27
CA SER B 42 -0.82 -29.82 -7.31
C SER B 42 -1.21 -30.21 -8.77
N LEU B 43 -0.99 -29.35 -9.75
CA LEU B 43 -1.29 -29.72 -11.12
C LEU B 43 -0.41 -30.89 -11.56
N ALA B 44 0.88 -30.86 -11.19
CA ALA B 44 1.86 -31.82 -11.68
C ALA B 44 1.54 -33.22 -11.17
N GLU B 45 0.82 -33.27 -10.04
CA GLU B 45 0.48 -34.45 -9.27
C GLU B 45 -0.79 -35.12 -9.79
N LYS B 46 -1.74 -34.27 -10.23
CA LYS B 46 -2.96 -34.71 -10.90
C LYS B 46 -2.82 -35.05 -12.40
N GLN B 47 -1.90 -34.42 -13.14
CA GLN B 47 -1.84 -34.52 -14.60
C GLN B 47 -0.41 -34.73 -15.03
N ASN B 48 -0.20 -35.54 -16.05
CA ASN B 48 1.13 -35.75 -16.55
C ASN B 48 1.67 -34.53 -17.27
N LEU B 49 2.68 -33.85 -16.65
CA LEU B 49 3.36 -32.68 -17.19
C LEU B 49 4.73 -33.03 -17.75
N GLU B 50 5.06 -34.34 -17.79
CA GLU B 50 6.27 -34.84 -18.42
C GLU B 50 6.14 -34.77 -19.95
N LYS B 51 7.25 -34.72 -20.66
CA LYS B 51 7.23 -34.98 -22.08
C LYS B 51 6.77 -33.75 -22.84
N ARG B 52 6.74 -32.61 -22.19
CA ARG B 52 6.48 -31.35 -22.89
C ARG B 52 7.82 -30.80 -23.36
N LYS B 53 7.88 -30.42 -24.64
CA LYS B 53 9.03 -29.71 -25.16
C LYS B 53 9.01 -28.34 -24.50
N ARG B 54 10.19 -27.88 -24.06
CA ARG B 54 10.47 -26.53 -23.61
C ARG B 54 10.41 -25.58 -24.79
N LYS B 55 9.49 -24.63 -24.73
CA LYS B 55 9.31 -23.66 -25.80
C LYS B 55 10.07 -22.38 -25.51
N LYS B 56 10.67 -21.82 -26.57
CA LYS B 56 11.12 -20.45 -26.58
C LYS B 56 9.95 -19.54 -26.95
N VAL B 57 9.65 -18.58 -26.08
CA VAL B 57 8.42 -17.82 -26.07
C VAL B 57 8.80 -16.34 -26.05
N LEU B 58 8.29 -15.58 -27.05
CA LEU B 58 8.36 -14.12 -26.99
C LEU B 58 7.11 -13.61 -26.31
N VAL B 59 7.32 -12.66 -25.40
CA VAL B 59 6.23 -11.94 -24.73
C VAL B 59 6.51 -10.47 -24.95
N HIS B 60 5.70 -9.85 -25.84
CA HIS B 60 5.91 -8.45 -26.19
C HIS B 60 4.76 -7.59 -25.67
N LEU B 61 5.07 -6.70 -24.71
CA LEU B 61 4.09 -5.86 -24.03
C LEU B 61 4.10 -4.49 -24.72
N GLY B 62 3.33 -4.40 -25.82
CA GLY B 62 3.23 -3.18 -26.60
C GLY B 62 2.75 -2.00 -25.75
N LEU B 63 1.80 -2.29 -24.86
CA LEU B 63 1.24 -1.29 -23.96
C LEU B 63 2.29 -0.64 -23.05
N LEU B 64 3.46 -1.25 -22.81
CA LEU B 64 4.52 -0.65 -22.00
C LEU B 64 5.55 0.11 -22.86
N THR B 65 5.50 0.04 -24.21
CA THR B 65 6.49 0.76 -25.03
C THR B 65 6.22 2.29 -24.98
N LYS B 66 7.29 3.10 -25.18
CA LYS B 66 7.17 4.58 -25.18
C LYS B 66 6.23 4.96 -26.32
N GLU B 67 6.46 4.25 -27.45
CA GLU B 67 5.78 4.40 -28.73
C GLU B 67 4.30 4.01 -28.66
N SER B 68 3.74 3.71 -27.47
CA SER B 68 2.29 3.56 -27.30
C SER B 68 1.58 4.82 -27.78
N GLY B 80 -4.34 5.23 -13.24
CA GLY B 80 -4.66 4.67 -14.56
C GLY B 80 -5.14 3.22 -14.46
N PRO B 81 -5.43 2.54 -15.60
CA PRO B 81 -5.87 1.13 -15.63
C PRO B 81 -4.84 0.06 -15.25
N LEU B 82 -5.30 -1.02 -14.58
CA LEU B 82 -4.42 -2.08 -14.08
C LEU B 82 -4.80 -3.49 -14.53
N GLY B 83 -6.07 -3.69 -14.90
CA GLY B 83 -6.62 -4.93 -15.47
C GLY B 83 -5.65 -5.64 -16.38
N ALA B 84 -5.16 -4.91 -17.39
CA ALA B 84 -4.34 -5.53 -18.41
C ALA B 84 -3.04 -6.04 -17.77
N LEU B 85 -2.47 -5.26 -16.84
CA LEU B 85 -1.18 -5.59 -16.24
C LEU B 85 -1.30 -6.80 -15.31
N VAL B 86 -2.46 -7.00 -14.70
CA VAL B 86 -2.79 -8.22 -13.96
C VAL B 86 -2.75 -9.43 -14.90
N GLN B 87 -3.41 -9.31 -16.05
CA GLN B 87 -3.40 -10.43 -17.00
C GLN B 87 -1.99 -10.76 -17.52
N TRP B 88 -1.22 -9.74 -17.91
CA TRP B 88 0.14 -9.96 -18.32
C TRP B 88 0.94 -10.63 -17.20
N SER B 89 0.78 -10.16 -15.96
CA SER B 89 1.53 -10.73 -14.83
C SER B 89 1.24 -12.23 -14.71
N ASP B 90 -0.03 -12.62 -14.76
CA ASP B 90 -0.46 -13.97 -14.51
C ASP B 90 -0.06 -14.88 -15.68
N LEU B 91 0.01 -14.34 -16.91
CA LEU B 91 0.45 -15.08 -18.06
C LEU B 91 1.95 -15.36 -17.96
N ILE B 92 2.70 -14.32 -17.62
CA ILE B 92 4.15 -14.48 -17.50
C ILE B 92 4.46 -15.52 -16.42
N THR B 93 3.80 -15.41 -15.25
CA THR B 93 4.04 -16.25 -14.09
C THR B 93 3.76 -17.71 -14.50
N SER B 94 2.64 -17.90 -15.21
CA SER B 94 2.22 -19.22 -15.63
C SER B 94 3.23 -19.88 -16.56
N LEU B 95 3.73 -19.09 -17.52
CA LEU B 95 4.66 -19.63 -18.46
C LEU B 95 5.94 -19.99 -17.75
N TYR B 96 6.36 -19.16 -16.80
CA TYR B 96 7.60 -19.43 -16.08
C TYR B 96 7.49 -20.75 -15.30
N LEU B 97 6.36 -20.93 -14.59
CA LEU B 97 6.10 -22.07 -13.72
C LEU B 97 6.08 -23.40 -14.49
N LEU B 98 5.55 -23.37 -15.70
CA LEU B 98 5.45 -24.50 -16.58
C LEU B 98 6.81 -24.84 -17.17
N GLY B 99 7.81 -23.97 -17.07
CA GLY B 99 9.17 -24.35 -17.44
C GLY B 99 9.68 -23.81 -18.79
N HIS B 100 8.94 -22.93 -19.40
CA HIS B 100 9.32 -22.52 -20.77
C HIS B 100 10.38 -21.44 -20.70
N ASP B 101 10.92 -21.09 -21.86
CA ASP B 101 12.02 -20.17 -21.96
C ASP B 101 11.47 -18.82 -22.42
N ILE B 102 11.15 -17.92 -21.45
CA ILE B 102 10.46 -16.67 -21.69
C ILE B 102 11.47 -15.60 -22.06
N ARG B 103 11.25 -14.88 -23.16
CA ARG B 103 11.99 -13.67 -23.48
C ARG B 103 11.03 -12.50 -23.46
N ILE B 104 11.25 -11.62 -22.49
CA ILE B 104 10.34 -10.51 -22.22
C ILE B 104 10.80 -9.30 -23.00
N SER B 105 9.85 -8.62 -23.66
CA SER B 105 10.12 -7.43 -24.45
C SER B 105 9.12 -6.33 -24.11
N ALA B 106 9.63 -5.13 -23.77
CA ALA B 106 8.82 -3.94 -23.53
C ALA B 106 9.38 -2.77 -24.33
N SER B 107 10.14 -3.08 -25.39
CA SER B 107 10.74 -2.09 -26.26
C SER B 107 10.85 -2.63 -27.69
N LEU B 108 10.97 -1.72 -28.67
CA LEU B 108 11.22 -2.11 -30.05
C LEU B 108 12.60 -2.75 -30.16
N ALA B 109 13.58 -2.21 -29.42
CA ALA B 109 14.94 -2.74 -29.40
C ALA B 109 14.94 -4.23 -29.02
N GLU B 110 14.27 -4.57 -27.92
CA GLU B 110 14.24 -5.94 -27.45
C GLU B 110 13.48 -6.82 -28.41
N LEU B 111 12.29 -6.37 -28.86
CA LEU B 111 11.50 -7.10 -29.86
C LEU B 111 12.40 -7.47 -31.05
N LYS B 112 13.16 -6.49 -31.51
CA LYS B 112 14.00 -6.66 -32.69
C LYS B 112 15.09 -7.71 -32.39
N GLU B 113 15.68 -7.58 -31.21
CA GLU B 113 16.77 -8.44 -30.76
C GLU B 113 16.31 -9.88 -30.57
N ILE B 114 15.18 -10.11 -29.90
CA ILE B 114 14.70 -11.47 -29.64
C ILE B 114 14.34 -12.17 -30.97
N MET B 115 13.54 -11.49 -31.81
CA MET B 115 13.17 -12.02 -33.12
C MET B 115 14.40 -12.16 -34.02
N GLY B 116 15.34 -11.20 -33.87
CA GLY B 116 16.64 -11.21 -34.55
C GLY B 116 17.37 -12.56 -34.46
N GLY B 117 17.44 -13.16 -33.25
CA GLY B 117 18.25 -14.34 -33.03
C GLY B 117 17.47 -15.66 -33.11
N GLY B 118 16.20 -15.62 -33.57
CA GLY B 118 15.52 -16.82 -34.02
C GLY B 118 15.15 -17.80 -32.89
N GLY B 119 14.51 -18.91 -33.30
CA GLY B 119 14.12 -20.00 -32.42
C GLY B 119 12.77 -19.79 -31.75
N VAL B 120 12.07 -18.70 -32.08
CA VAL B 120 10.85 -18.40 -31.35
C VAL B 120 9.78 -19.39 -31.78
N GLU B 121 9.03 -19.99 -30.84
CA GLU B 121 8.02 -20.98 -31.16
C GLU B 121 6.60 -20.47 -30.88
N LEU B 122 6.49 -19.41 -30.06
CA LEU B 122 5.23 -18.90 -29.57
C LEU B 122 5.39 -17.44 -29.20
N ILE B 123 4.35 -16.62 -29.52
CA ILE B 123 4.39 -15.18 -29.37
C ILE B 123 3.10 -14.76 -28.67
N TYR B 124 3.23 -14.13 -27.50
CA TYR B 124 2.15 -13.51 -26.75
C TYR B 124 2.32 -12.00 -26.90
N ILE B 125 1.29 -11.35 -27.39
CA ILE B 125 1.38 -9.93 -27.74
C ILE B 125 0.00 -9.29 -27.60
N ASP B 126 -0.05 -7.96 -27.47
CA ASP B 126 -1.29 -7.16 -27.61
C ASP B 126 -1.44 -6.57 -29.02
N ILE B 127 -2.63 -6.00 -29.34
CA ILE B 127 -2.86 -5.42 -30.68
C ILE B 127 -1.87 -4.28 -31.02
N VAL B 128 -1.65 -3.36 -30.09
CA VAL B 128 -0.65 -2.34 -30.24
C VAL B 128 0.70 -2.97 -30.59
N GLY B 129 1.07 -4.05 -29.84
CA GLY B 129 2.36 -4.66 -30.06
C GLY B 129 2.43 -5.39 -31.40
N LEU B 130 1.29 -5.96 -31.82
CA LEU B 130 1.19 -6.63 -33.10
C LEU B 130 1.49 -5.68 -34.26
N ALA B 131 1.00 -4.42 -34.20
CA ALA B 131 1.31 -3.42 -35.19
C ALA B 131 2.81 -3.15 -35.21
N GLN B 132 3.43 -3.17 -34.01
CA GLN B 132 4.85 -2.89 -33.92
C GLN B 132 5.65 -4.04 -34.53
N PHE B 133 5.20 -5.29 -34.27
CA PHE B 133 5.79 -6.49 -34.87
C PHE B 133 5.83 -6.43 -36.40
N LYS B 134 4.67 -6.21 -37.02
CA LYS B 134 4.55 -6.03 -38.48
C LYS B 134 5.54 -4.97 -39.00
N LYS B 135 5.52 -3.76 -38.39
CA LYS B 135 6.44 -2.73 -38.81
C LYS B 135 7.90 -3.14 -38.57
N THR B 136 8.28 -3.72 -37.44
CA THR B 136 9.68 -3.97 -37.16
C THR B 136 10.23 -5.09 -38.07
N LEU B 137 9.45 -6.18 -38.28
CA LEU B 137 9.92 -7.31 -39.05
C LEU B 137 9.84 -7.13 -40.57
N GLY B 138 8.89 -6.29 -41.05
CA GLY B 138 8.66 -6.09 -42.48
C GLY B 138 7.79 -7.25 -42.97
N PRO B 139 7.69 -7.52 -44.29
CA PRO B 139 6.82 -8.57 -44.83
C PRO B 139 6.99 -10.00 -44.27
N SER B 140 8.17 -10.40 -43.80
CA SER B 140 8.31 -11.73 -43.17
C SER B 140 7.58 -11.91 -41.82
N TRP B 141 7.00 -10.82 -41.26
CA TRP B 141 6.13 -10.96 -40.10
C TRP B 141 5.07 -12.05 -40.30
N VAL B 142 4.54 -12.22 -41.53
CA VAL B 142 3.45 -13.18 -41.73
C VAL B 142 4.05 -14.57 -41.54
N HIS B 143 5.35 -14.80 -41.74
CA HIS B 143 5.94 -16.12 -41.50
C HIS B 143 5.74 -16.56 -40.02
N TYR B 144 5.45 -15.65 -39.06
CA TYR B 144 5.30 -16.02 -37.65
C TYR B 144 3.83 -16.03 -37.24
N GLN B 145 2.96 -15.81 -38.23
CA GLN B 145 1.60 -15.42 -37.91
C GLN B 145 0.89 -16.50 -37.08
N CYS B 146 1.11 -17.79 -37.42
CA CYS B 146 0.38 -18.85 -36.76
C CYS B 146 0.86 -19.14 -35.32
N MET B 147 1.96 -18.50 -34.90
CA MET B 147 2.44 -18.57 -33.53
C MET B 147 1.90 -17.44 -32.63
N LEU B 148 1.10 -16.49 -33.18
CA LEU B 148 0.62 -15.35 -32.39
C LEU B 148 -0.54 -15.77 -31.47
N ARG B 149 -0.48 -15.28 -30.24
CA ARG B 149 -1.55 -15.34 -29.25
C ARG B 149 -1.74 -13.91 -28.76
N VAL B 150 -2.89 -13.32 -29.14
CA VAL B 150 -3.08 -11.87 -29.11
C VAL B 150 -4.01 -11.53 -27.93
N LEU B 151 -3.45 -10.90 -26.87
CA LEU B 151 -4.24 -10.53 -25.70
C LEU B 151 -5.09 -9.31 -26.09
N ASP B 152 -6.41 -9.49 -26.09
CA ASP B 152 -7.38 -8.51 -26.53
C ASP B 152 -8.58 -8.63 -25.60
N SER B 153 -8.66 -7.76 -24.59
CA SER B 153 -9.58 -7.99 -23.47
C SER B 153 -11.01 -8.26 -23.92
N PHE B 154 -11.54 -7.37 -24.82
CA PHE B 154 -12.94 -7.28 -25.07
C PHE B 154 -13.34 -8.16 -26.23
N GLY B 155 -12.35 -8.70 -26.97
CA GLY B 155 -12.61 -9.71 -28.02
C GLY B 155 -12.74 -9.13 -29.43
N THR B 156 -12.53 -10.02 -30.41
CA THR B 156 -12.55 -9.73 -31.86
C THR B 156 -13.47 -10.73 -32.57
N GLU B 157 -14.56 -10.23 -33.17
CA GLU B 157 -15.50 -11.12 -33.83
C GLU B 157 -15.01 -11.33 -35.27
N PRO B 158 -15.34 -12.46 -35.91
CA PRO B 158 -14.82 -12.73 -37.25
C PRO B 158 -15.09 -11.65 -38.34
N GLU B 159 -16.24 -10.99 -38.26
CA GLU B 159 -16.60 -9.97 -39.24
C GLU B 159 -15.70 -8.74 -39.19
N PHE B 160 -15.00 -8.50 -38.08
CA PHE B 160 -14.04 -7.40 -37.98
C PHE B 160 -12.62 -7.86 -38.28
N ASN B 161 -12.32 -9.16 -38.07
CA ASN B 161 -10.99 -9.71 -38.25
C ASN B 161 -10.64 -9.90 -39.75
N HIS B 162 -11.67 -10.20 -40.57
CA HIS B 162 -11.49 -10.43 -41.99
C HIS B 162 -11.51 -9.06 -42.68
N ALA B 163 -10.33 -8.61 -43.14
CA ALA B 163 -10.08 -7.27 -43.65
C ALA B 163 -11.10 -6.87 -44.71
N ASN B 164 -11.32 -7.75 -45.69
CA ASN B 164 -12.13 -7.39 -46.86
C ASN B 164 -13.60 -7.35 -46.47
N TYR B 165 -14.03 -8.29 -45.62
CA TYR B 165 -15.43 -8.33 -45.24
C TYR B 165 -15.80 -7.14 -44.35
N ALA B 166 -14.85 -6.77 -43.51
CA ALA B 166 -15.00 -5.66 -42.58
C ALA B 166 -15.20 -4.40 -43.36
N GLN B 167 -14.42 -4.23 -44.43
CA GLN B 167 -14.58 -3.06 -45.27
C GLN B 167 -15.85 -3.10 -46.12
N SER B 168 -16.28 -4.30 -46.60
CA SER B 168 -17.52 -4.34 -47.37
C SER B 168 -18.71 -4.09 -46.44
N LYS B 169 -18.57 -4.21 -45.11
CA LYS B 169 -19.61 -3.79 -44.19
C LYS B 169 -19.44 -2.36 -43.67
N GLY B 170 -18.38 -1.65 -44.07
CA GLY B 170 -18.13 -0.27 -43.67
C GLY B 170 -17.51 -0.12 -42.28
N HIS B 171 -16.99 -1.18 -41.66
CA HIS B 171 -16.40 -1.10 -40.34
C HIS B 171 -15.07 -0.32 -40.36
N LYS B 172 -14.98 0.74 -39.54
CA LYS B 172 -13.78 1.55 -39.48
C LYS B 172 -12.84 1.18 -38.32
N THR B 173 -13.02 0.04 -37.64
CA THR B 173 -12.18 -0.25 -36.47
C THR B 173 -10.71 -0.12 -36.85
N PRO B 174 -9.83 0.62 -36.14
CA PRO B 174 -8.38 0.44 -36.32
C PRO B 174 -7.76 -0.72 -35.52
N TRP B 175 -8.60 -1.58 -34.95
CA TRP B 175 -8.13 -2.71 -34.14
C TRP B 175 -8.29 -4.07 -34.82
N GLY B 176 -9.12 -4.10 -35.88
CA GLY B 176 -9.41 -5.35 -36.56
C GLY B 176 -8.54 -5.56 -37.80
N LYS B 177 -9.01 -6.44 -38.71
CA LYS B 177 -8.40 -6.65 -40.00
C LYS B 177 -7.03 -7.32 -39.96
N TRP B 178 -6.68 -8.14 -38.94
CA TRP B 178 -5.43 -8.86 -38.97
C TRP B 178 -5.47 -10.20 -39.74
N ASN B 179 -6.68 -10.73 -40.00
CA ASN B 179 -6.90 -11.91 -40.84
C ASN B 179 -6.35 -13.14 -40.15
N LEU B 180 -6.44 -13.23 -38.80
CA LEU B 180 -5.93 -14.36 -38.06
C LEU B 180 -7.01 -15.42 -37.99
N ASN B 181 -6.66 -16.55 -37.38
CA ASN B 181 -7.70 -17.50 -36.98
C ASN B 181 -8.24 -16.87 -35.71
N PRO B 182 -9.53 -16.55 -35.59
CA PRO B 182 -10.00 -15.78 -34.42
C PRO B 182 -9.78 -16.42 -33.05
N GLN B 183 -9.50 -17.75 -33.00
CA GLN B 183 -9.17 -18.38 -31.72
C GLN B 183 -7.79 -17.94 -31.22
N GLN B 184 -6.98 -17.29 -32.04
CA GLN B 184 -5.71 -16.74 -31.60
C GLN B 184 -5.86 -15.51 -30.67
N PHE B 185 -7.05 -14.86 -30.68
CA PHE B 185 -7.32 -13.67 -29.89
C PHE B 185 -7.69 -14.20 -28.48
N TYR B 186 -7.04 -13.63 -27.44
CA TYR B 186 -7.12 -14.18 -26.08
C TYR B 186 -7.77 -13.16 -25.15
N THR B 187 -8.96 -13.49 -24.65
CA THR B 187 -9.79 -12.52 -23.94
C THR B 187 -9.72 -12.59 -22.41
N MET B 188 -10.31 -11.57 -21.77
CA MET B 188 -10.22 -11.35 -20.33
C MET B 188 -11.27 -12.21 -19.61
N PHE B 189 -12.42 -12.43 -20.23
CA PHE B 189 -13.54 -13.19 -19.73
C PHE B 189 -14.05 -14.03 -20.90
N PRO B 190 -14.68 -15.21 -20.67
CA PRO B 190 -15.16 -16.09 -21.75
C PRO B 190 -16.47 -15.57 -22.34
N HIS B 191 -16.43 -14.38 -22.95
CA HIS B 191 -17.64 -13.75 -23.47
C HIS B 191 -17.72 -13.89 -25.01
N THR B 192 -16.63 -14.32 -25.68
CA THR B 192 -16.51 -14.33 -27.14
C THR B 192 -16.01 -15.71 -27.59
N PRO B 193 -16.87 -16.71 -27.82
CA PRO B 193 -16.41 -18.04 -28.18
C PRO B 193 -15.72 -18.18 -29.55
N ASP B 194 -15.73 -17.13 -30.36
CA ASP B 194 -14.90 -17.12 -31.55
C ASP B 194 -13.45 -17.05 -31.13
N ASN B 195 -13.21 -16.51 -29.91
CA ASN B 195 -11.87 -16.32 -29.42
C ASN B 195 -11.58 -17.40 -28.36
N SER B 196 -10.36 -17.37 -27.85
CA SER B 196 -10.03 -18.12 -26.63
C SER B 196 -10.10 -17.27 -25.37
N PHE B 197 -10.62 -17.83 -24.25
CA PHE B 197 -10.54 -17.20 -22.94
C PHE B 197 -9.18 -17.38 -22.28
N LEU B 198 -8.43 -16.30 -22.02
CA LEU B 198 -7.18 -16.38 -21.31
C LEU B 198 -7.47 -16.18 -19.81
N GLY B 199 -8.05 -15.01 -19.47
CA GLY B 199 -8.32 -14.65 -18.10
C GLY B 199 -7.05 -14.27 -17.35
N PHE B 200 -7.05 -14.59 -16.05
CA PHE B 200 -6.05 -14.14 -15.09
C PHE B 200 -6.40 -14.84 -13.78
N VAL B 201 -5.65 -14.59 -12.70
CA VAL B 201 -5.99 -15.15 -11.39
C VAL B 201 -6.61 -14.12 -10.48
N VAL B 202 -7.65 -14.50 -9.70
CA VAL B 202 -8.29 -13.65 -8.71
C VAL B 202 -7.51 -13.73 -7.40
N GLU B 203 -6.79 -12.67 -7.05
CA GLU B 203 -6.08 -12.66 -5.78
C GLU B 203 -7.01 -12.59 -4.56
N GLN B 204 -6.71 -13.37 -3.51
CA GLN B 204 -7.43 -13.43 -2.23
C GLN B 204 -6.47 -13.91 -1.13
N HIS B 205 -6.69 -13.50 0.13
CA HIS B 205 -5.80 -13.92 1.23
C HIS B 205 -6.54 -14.54 2.43
N LEU B 206 -7.70 -15.12 2.19
CA LEU B 206 -8.47 -15.82 3.20
C LEU B 206 -7.96 -17.25 3.41
N ASN B 207 -7.27 -17.53 4.54
CA ASN B 207 -7.08 -18.91 5.01
C ASN B 207 -8.45 -19.44 5.47
N SER B 208 -8.52 -20.74 5.80
CA SER B 208 -9.79 -21.36 6.19
C SER B 208 -10.25 -20.95 7.59
N SER B 209 -9.38 -20.36 8.44
CA SER B 209 -9.81 -19.76 9.71
C SER B 209 -10.30 -18.31 9.52
N ASP B 210 -9.82 -17.62 8.47
CA ASP B 210 -10.41 -16.36 8.06
C ASP B 210 -11.87 -16.60 7.61
N ILE B 211 -12.12 -17.67 6.83
CA ILE B 211 -13.45 -17.99 6.25
C ILE B 211 -14.44 -18.44 7.34
N HIS B 212 -13.95 -19.20 8.34
CA HIS B 212 -14.77 -19.66 9.46
C HIS B 212 -15.19 -18.48 10.35
N HIS B 213 -14.26 -17.55 10.61
CA HIS B 213 -14.50 -16.38 11.45
C HIS B 213 -14.79 -15.13 10.60
N ILE B 214 -15.11 -15.32 9.31
CA ILE B 214 -15.27 -14.22 8.37
C ILE B 214 -16.31 -13.23 8.89
N ASN B 215 -17.20 -13.71 9.76
CA ASN B 215 -18.29 -12.93 10.30
C ASN B 215 -17.80 -11.96 11.37
N GLU B 216 -16.67 -12.26 12.03
CA GLU B 216 -16.05 -11.34 12.97
C GLU B 216 -15.28 -10.27 12.19
N ILE B 217 -14.64 -10.71 11.09
CA ILE B 217 -13.71 -9.93 10.31
C ILE B 217 -14.46 -8.85 9.55
N LYS B 218 -15.61 -9.19 8.95
CA LYS B 218 -16.36 -8.22 8.18
C LYS B 218 -17.16 -7.30 9.07
N ARG B 219 -17.09 -6.01 8.76
CA ARG B 219 -18.03 -5.06 9.35
C ARG B 219 -19.24 -5.13 8.45
N GLN B 220 -20.38 -5.56 9.03
CA GLN B 220 -21.57 -5.89 8.29
C GLN B 220 -22.13 -4.63 7.61
N ASN B 221 -21.80 -3.42 8.12
CA ASN B 221 -22.32 -2.21 7.50
C ASN B 221 -21.20 -1.43 6.77
N GLN B 222 -20.11 -2.08 6.31
CA GLN B 222 -19.05 -1.41 5.55
C GLN B 222 -19.17 -1.68 4.04
N SER B 223 -19.35 -0.60 3.25
CA SER B 223 -19.31 -0.70 1.79
C SER B 223 -18.06 -0.02 1.27
N LEU B 224 -17.64 -0.48 0.10
CA LEU B 224 -16.60 0.18 -0.67
C LEU B 224 -17.03 0.46 -2.11
N VAL B 225 -16.74 1.65 -2.63
CA VAL B 225 -17.10 2.01 -4.00
C VAL B 225 -15.96 1.63 -4.94
N TYR B 226 -16.37 1.01 -6.09
CA TYR B 226 -15.52 0.61 -7.19
C TYR B 226 -15.41 1.77 -8.13
N GLY B 227 -14.18 2.22 -8.40
CA GLY B 227 -13.99 3.37 -9.26
C GLY B 227 -12.88 4.27 -8.73
N LYS B 228 -11.74 4.23 -9.44
CA LYS B 228 -10.47 4.79 -9.04
C LYS B 228 -10.37 6.28 -9.36
N VAL B 229 -11.17 6.76 -10.33
CA VAL B 229 -11.04 8.15 -10.77
C VAL B 229 -12.39 8.83 -10.59
N ASP B 230 -12.29 10.11 -10.19
CA ASP B 230 -13.37 11.04 -9.90
C ASP B 230 -14.47 11.07 -11.00
N SER B 231 -14.11 10.96 -12.29
CA SER B 231 -15.06 11.14 -13.38
C SER B 231 -16.20 10.12 -13.30
N VAL B 232 -15.90 8.86 -12.99
CA VAL B 232 -16.92 7.81 -13.04
C VAL B 232 -17.94 7.94 -11.90
N TRP B 233 -17.80 8.90 -10.98
CA TRP B 233 -18.73 9.16 -9.88
C TRP B 233 -19.82 10.19 -10.20
N LYS B 234 -19.82 10.81 -11.41
CA LYS B 234 -20.77 11.86 -11.78
C LYS B 234 -22.22 11.36 -11.65
N ASN B 235 -23.04 12.09 -10.88
CA ASN B 235 -24.49 11.91 -10.77
C ASN B 235 -24.87 10.53 -10.21
N LYS B 236 -24.23 10.12 -9.10
CA LYS B 236 -24.55 8.86 -8.45
C LYS B 236 -25.14 9.07 -7.05
N LYS B 237 -25.50 10.32 -6.71
CA LYS B 237 -25.72 10.73 -5.33
C LYS B 237 -26.90 9.95 -4.71
N ILE B 238 -27.98 9.83 -5.48
CA ILE B 238 -29.20 9.18 -5.03
C ILE B 238 -28.91 7.69 -4.69
N TYR B 239 -28.11 7.06 -5.56
CA TYR B 239 -27.71 5.67 -5.40
C TYR B 239 -26.87 5.53 -4.12
N LEU B 240 -25.82 6.38 -4.02
CA LEU B 240 -24.91 6.37 -2.87
C LEU B 240 -25.68 6.66 -1.58
N ASP B 241 -26.67 7.55 -1.65
CA ASP B 241 -27.44 7.91 -0.46
C ASP B 241 -28.27 6.73 0.03
N ILE B 242 -28.82 5.94 -0.89
CA ILE B 242 -29.58 4.76 -0.51
C ILE B 242 -28.66 3.81 0.26
N ILE B 243 -27.45 3.61 -0.26
CA ILE B 243 -26.45 2.76 0.38
C ILE B 243 -26.04 3.34 1.76
N HIS B 244 -25.70 4.65 1.81
CA HIS B 244 -25.33 5.34 3.03
C HIS B 244 -26.42 5.33 4.11
N THR B 245 -27.69 5.09 3.78
CA THR B 245 -28.75 4.91 4.79
C THR B 245 -28.43 3.71 5.70
N TYR B 246 -27.79 2.68 5.12
CA TYR B 246 -27.61 1.39 5.75
C TYR B 246 -26.15 1.10 6.08
N MET B 247 -25.19 1.78 5.46
CA MET B 247 -23.81 1.36 5.51
C MET B 247 -22.90 2.57 5.44
N GLU B 248 -21.72 2.46 6.05
CA GLU B 248 -20.59 3.34 5.79
C GLU B 248 -20.19 3.22 4.32
N VAL B 249 -19.68 4.32 3.73
CA VAL B 249 -19.26 4.27 2.33
C VAL B 249 -17.81 4.71 2.26
N HIS B 250 -16.96 3.81 1.77
CA HIS B 250 -15.54 4.02 1.61
C HIS B 250 -15.22 4.11 0.13
N ALA B 251 -13.99 4.58 -0.16
CA ALA B 251 -13.53 4.71 -1.55
C ALA B 251 -12.01 4.68 -1.66
N THR B 252 -11.53 4.35 -2.86
CA THR B 252 -10.11 4.40 -3.21
C THR B 252 -9.98 5.23 -4.47
N VAL B 253 -10.01 6.57 -4.31
CA VAL B 253 -9.97 7.41 -5.49
C VAL B 253 -8.84 8.42 -5.34
N TYR B 254 -8.08 8.58 -6.45
CA TYR B 254 -6.83 9.31 -6.57
C TYR B 254 -7.09 10.78 -6.25
N GLY B 255 -8.24 11.27 -6.75
CA GLY B 255 -8.89 12.41 -6.12
C GLY B 255 -8.71 12.40 -4.60
N THR B 258 -11.28 16.26 -5.47
CA THR B 258 -12.46 15.61 -6.08
C THR B 258 -13.66 16.55 -5.99
N LYS B 259 -14.49 16.53 -7.04
CA LYS B 259 -15.76 17.26 -7.07
C LYS B 259 -16.95 16.30 -6.89
N ASN B 260 -16.82 15.02 -7.26
CA ASN B 260 -17.98 14.15 -7.39
C ASN B 260 -18.29 13.38 -6.12
N ILE B 261 -17.38 13.37 -5.12
CA ILE B 261 -17.44 12.46 -3.98
C ILE B 261 -18.15 13.14 -2.82
N PRO B 262 -19.32 12.63 -2.34
CA PRO B 262 -19.97 13.17 -1.15
C PRO B 262 -19.09 13.18 0.10
N SER B 263 -19.36 14.12 0.98
CA SER B 263 -18.51 14.39 2.13
C SER B 263 -18.52 13.23 3.13
N TYR B 264 -19.61 12.44 3.21
CA TYR B 264 -19.71 11.26 4.07
C TYR B 264 -18.81 10.07 3.62
N VAL B 265 -18.37 10.06 2.36
CA VAL B 265 -17.51 8.99 1.88
C VAL B 265 -16.18 9.04 2.64
N LYS B 266 -15.61 7.87 2.95
CA LYS B 266 -14.28 7.80 3.55
C LYS B 266 -13.31 7.36 2.46
N ASN B 267 -12.45 8.31 2.01
CA ASN B 267 -11.58 8.06 0.87
C ASN B 267 -10.17 7.74 1.32
N HIS B 268 -9.62 6.58 0.90
CA HIS B 268 -8.28 6.14 1.30
C HIS B 268 -7.23 6.53 0.25
N GLY B 269 -7.69 7.01 -0.91
CA GLY B 269 -6.78 7.19 -2.01
C GLY B 269 -6.48 5.85 -2.67
N ILE B 270 -5.52 5.87 -3.60
CA ILE B 270 -5.13 4.68 -4.30
C ILE B 270 -4.25 3.89 -3.34
N LEU B 271 -4.55 2.58 -3.25
CA LEU B 271 -4.00 1.66 -2.23
C LEU B 271 -3.12 0.64 -2.96
N SER B 272 -2.01 0.27 -2.31
CA SER B 272 -1.25 -0.91 -2.65
C SER B 272 -2.17 -2.13 -2.58
N GLY B 273 -1.84 -3.15 -3.37
CA GLY B 273 -2.59 -4.41 -3.37
C GLY B 273 -2.75 -5.00 -1.98
N ARG B 274 -1.70 -4.97 -1.14
CA ARG B 274 -1.84 -5.48 0.21
C ARG B 274 -2.96 -4.79 0.97
N ASP B 275 -2.90 -3.46 1.05
CA ASP B 275 -3.87 -2.66 1.79
C ASP B 275 -5.27 -2.82 1.18
N LEU B 276 -5.34 -2.90 -0.16
CA LEU B 276 -6.61 -3.11 -0.82
C LEU B 276 -7.23 -4.43 -0.40
N GLN B 277 -6.42 -5.52 -0.33
CA GLN B 277 -6.91 -6.84 0.03
C GLN B 277 -7.42 -6.86 1.47
N PHE B 278 -6.79 -6.10 2.38
CA PHE B 278 -7.24 -6.01 3.75
C PHE B 278 -8.56 -5.28 3.87
N LEU B 279 -8.69 -4.21 3.10
CA LEU B 279 -9.92 -3.44 3.05
C LEU B 279 -11.05 -4.31 2.54
N LEU B 280 -10.80 -5.05 1.46
CA LEU B 280 -11.81 -5.97 0.94
C LEU B 280 -12.23 -7.03 1.96
N ARG B 281 -11.26 -7.60 2.70
CA ARG B 281 -11.53 -8.58 3.72
C ARG B 281 -12.46 -7.98 4.80
N GLU B 282 -12.33 -6.67 5.16
CA GLU B 282 -13.30 -6.10 6.11
C GLU B 282 -14.67 -5.69 5.51
N THR B 283 -14.84 -5.77 4.16
CA THR B 283 -15.92 -5.07 3.47
C THR B 283 -17.09 -6.03 3.17
N LYS B 284 -18.30 -5.55 3.40
CA LYS B 284 -19.47 -6.37 3.17
C LYS B 284 -19.94 -6.21 1.74
N LEU B 285 -19.91 -4.97 1.17
CA LEU B 285 -20.53 -4.64 -0.12
C LEU B 285 -19.60 -3.82 -1.02
N PHE B 286 -19.31 -4.32 -2.21
CA PHE B 286 -18.54 -3.58 -3.19
C PHE B 286 -19.49 -2.98 -4.23
N VAL B 287 -19.42 -1.66 -4.44
CA VAL B 287 -20.50 -0.95 -5.12
C VAL B 287 -20.06 -0.55 -6.52
N GLY B 288 -20.67 -1.14 -7.55
CA GLY B 288 -20.39 -0.73 -8.92
C GLY B 288 -21.09 0.60 -9.28
N LEU B 289 -20.40 1.44 -10.05
CA LEU B 289 -20.99 2.69 -10.54
C LEU B 289 -21.29 2.69 -12.04
N GLY B 290 -20.89 1.65 -12.78
CA GLY B 290 -21.12 1.58 -14.22
C GLY B 290 -19.85 1.40 -15.03
N LEU B 291 -18.74 1.93 -14.53
CA LEU B 291 -17.44 1.87 -15.19
C LEU B 291 -16.39 1.58 -14.12
N PRO B 292 -15.29 0.86 -14.40
CA PRO B 292 -14.98 0.31 -15.73
C PRO B 292 -15.70 -0.99 -16.06
N TYR B 293 -15.70 -1.34 -17.36
CA TYR B 293 -16.41 -2.50 -17.85
C TYR B 293 -15.50 -3.72 -17.66
N GLU B 294 -16.03 -4.85 -17.22
CA GLU B 294 -15.35 -6.15 -17.32
C GLU B 294 -13.89 -6.10 -16.82
N GLY B 295 -13.71 -5.61 -15.59
CA GLY B 295 -12.36 -5.67 -15.02
C GLY B 295 -12.26 -6.76 -13.97
N PRO B 296 -11.06 -6.93 -13.36
CA PRO B 296 -10.84 -7.93 -12.33
C PRO B 296 -11.41 -7.58 -10.94
N ALA B 297 -11.61 -6.30 -10.61
CA ALA B 297 -11.71 -5.94 -9.19
C ALA B 297 -12.97 -6.51 -8.57
N PRO B 298 -14.09 -6.63 -9.28
CA PRO B 298 -15.24 -7.21 -8.61
C PRO B 298 -15.00 -8.66 -8.16
N LEU B 299 -14.26 -9.47 -8.98
CA LEU B 299 -14.00 -10.88 -8.67
C LEU B 299 -13.11 -10.98 -7.43
N GLU B 300 -12.13 -10.07 -7.31
CA GLU B 300 -11.32 -9.96 -6.11
C GLU B 300 -12.26 -9.68 -4.93
N ALA B 301 -13.27 -8.80 -5.09
CA ALA B 301 -14.15 -8.56 -3.94
C ALA B 301 -14.96 -9.80 -3.54
N ILE B 302 -15.40 -10.59 -4.54
CA ILE B 302 -16.25 -11.75 -4.32
C ILE B 302 -15.42 -12.88 -3.68
N ALA B 303 -14.17 -13.01 -4.09
CA ALA B 303 -13.26 -13.99 -3.51
C ALA B 303 -12.96 -13.67 -2.04
N ASN B 304 -13.14 -12.39 -1.61
CA ASN B 304 -13.00 -11.96 -0.24
C ASN B 304 -14.35 -11.89 0.47
N GLY B 305 -15.40 -12.50 -0.07
CA GLY B 305 -16.64 -12.61 0.66
C GLY B 305 -17.48 -11.34 0.60
N CYS B 306 -17.10 -10.33 -0.25
CA CYS B 306 -17.96 -9.19 -0.51
C CYS B 306 -19.04 -9.52 -1.55
N ALA B 307 -20.23 -8.97 -1.37
CA ALA B 307 -21.21 -9.02 -2.45
C ALA B 307 -20.91 -7.84 -3.36
N PHE B 308 -21.33 -7.96 -4.61
CA PHE B 308 -21.07 -6.93 -5.60
C PHE B 308 -22.40 -6.41 -6.10
N LEU B 309 -22.60 -5.08 -6.06
CA LEU B 309 -23.76 -4.42 -6.65
C LEU B 309 -23.41 -4.01 -8.09
N ASN B 310 -23.95 -4.76 -9.06
CA ASN B 310 -23.59 -4.75 -10.49
C ASN B 310 -24.61 -3.95 -11.32
N PRO B 311 -24.31 -2.74 -11.80
CA PRO B 311 -25.31 -1.95 -12.56
C PRO B 311 -25.78 -2.62 -13.84
N LYS B 312 -27.09 -2.80 -14.00
CA LYS B 312 -27.73 -3.41 -15.16
C LYS B 312 -27.80 -2.38 -16.30
N PHE B 313 -27.61 -2.85 -17.54
CA PHE B 313 -27.63 -2.01 -18.73
C PHE B 313 -28.83 -2.46 -19.55
N ASN B 314 -29.91 -1.69 -19.48
CA ASN B 314 -31.07 -1.89 -20.34
C ASN B 314 -31.29 -0.53 -21.00
N PRO B 315 -31.00 -0.31 -22.31
CA PRO B 315 -30.55 -1.35 -23.25
C PRO B 315 -29.13 -1.78 -22.93
N PRO B 316 -28.65 -2.94 -23.43
CA PRO B 316 -27.28 -3.37 -23.20
C PRO B 316 -26.34 -2.39 -23.91
N LYS B 317 -25.12 -2.26 -23.42
CA LYS B 317 -24.19 -1.34 -24.05
C LYS B 317 -23.39 -2.04 -25.12
N SER B 318 -23.05 -1.30 -26.17
CA SER B 318 -22.31 -1.75 -27.36
C SER B 318 -21.87 -0.53 -28.18
N SER B 319 -21.20 -0.83 -29.33
CA SER B 319 -21.00 0.03 -30.52
C SER B 319 -22.21 0.89 -30.86
N LYS B 320 -23.37 0.23 -30.89
CA LYS B 320 -24.58 0.89 -31.33
C LYS B 320 -24.92 2.08 -30.41
N ASN B 321 -24.43 2.15 -29.15
CA ASN B 321 -24.99 3.18 -28.28
C ASN B 321 -24.01 3.79 -27.29
N THR B 322 -22.72 3.36 -27.25
CA THR B 322 -21.80 3.73 -26.17
C THR B 322 -20.43 4.05 -26.75
N ASP B 323 -19.98 5.29 -26.53
CA ASP B 323 -18.86 5.92 -27.19
C ASP B 323 -17.60 5.03 -27.07
N PHE B 324 -17.40 4.52 -25.85
CA PHE B 324 -16.25 3.68 -25.52
C PHE B 324 -16.14 2.44 -26.42
N PHE B 325 -17.27 1.89 -26.88
CA PHE B 325 -17.31 0.69 -27.70
C PHE B 325 -17.19 1.03 -29.19
N ILE B 326 -17.39 2.27 -29.67
CA ILE B 326 -17.34 2.50 -31.10
C ILE B 326 -15.93 2.18 -31.57
N GLY B 327 -15.73 1.50 -32.68
CA GLY B 327 -14.36 1.23 -33.12
C GLY B 327 -13.76 -0.06 -32.55
N LYS B 328 -14.38 -0.67 -31.53
CA LYS B 328 -13.92 -1.97 -31.03
C LYS B 328 -14.38 -3.08 -31.99
N PRO B 329 -13.54 -4.10 -32.22
CA PRO B 329 -13.77 -5.06 -33.30
C PRO B 329 -14.70 -6.18 -32.94
N THR B 330 -15.88 -5.77 -32.45
CA THR B 330 -16.89 -6.68 -31.91
C THR B 330 -18.24 -5.95 -31.86
N LEU B 331 -19.35 -6.65 -32.08
CA LEU B 331 -20.70 -6.11 -31.92
C LEU B 331 -21.30 -6.63 -30.61
N ARG B 332 -20.50 -7.29 -29.79
CA ARG B 332 -20.98 -7.84 -28.54
C ARG B 332 -21.62 -6.76 -27.64
N GLU B 333 -22.78 -7.12 -27.05
CA GLU B 333 -23.54 -6.27 -26.13
C GLU B 333 -23.34 -6.71 -24.68
N LEU B 334 -22.98 -5.76 -23.78
CA LEU B 334 -22.84 -6.01 -22.35
C LEU B 334 -24.18 -5.82 -21.63
N THR B 335 -24.72 -6.84 -20.96
CA THR B 335 -25.98 -6.68 -20.23
C THR B 335 -25.81 -5.96 -18.88
N SER B 336 -24.57 -5.69 -18.45
CA SER B 336 -24.28 -5.06 -17.16
C SER B 336 -22.84 -4.60 -17.16
N GLN B 337 -22.37 -4.01 -16.03
CA GLN B 337 -20.98 -3.59 -15.86
C GLN B 337 -20.03 -4.78 -15.93
N HIS B 338 -20.46 -5.94 -15.44
CA HIS B 338 -19.60 -7.13 -15.38
C HIS B 338 -20.46 -8.32 -15.74
N PRO B 339 -20.69 -8.59 -17.04
CA PRO B 339 -21.57 -9.70 -17.47
C PRO B 339 -21.17 -11.11 -17.02
N TYR B 340 -19.86 -11.32 -16.81
CA TYR B 340 -19.41 -12.60 -16.28
C TYR B 340 -19.96 -12.79 -14.84
N ALA B 341 -19.75 -11.77 -13.98
CA ALA B 341 -20.27 -11.75 -12.64
C ALA B 341 -21.79 -11.98 -12.64
N GLU B 342 -22.49 -11.34 -13.58
CA GLU B 342 -23.92 -11.40 -13.62
C GLU B 342 -24.32 -12.80 -14.00
N VAL B 343 -23.69 -13.36 -15.03
CA VAL B 343 -24.26 -14.57 -15.60
C VAL B 343 -23.67 -15.84 -14.96
N PHE B 344 -22.37 -15.87 -14.71
CA PHE B 344 -21.69 -17.08 -14.27
C PHE B 344 -21.64 -17.16 -12.73
N ILE B 345 -21.86 -16.06 -11.99
CA ILE B 345 -21.82 -16.06 -10.54
C ILE B 345 -23.24 -15.79 -10.00
N GLY B 346 -23.82 -14.59 -10.26
CA GLY B 346 -25.17 -14.27 -9.82
C GLY B 346 -25.34 -14.20 -8.28
N ARG B 347 -26.61 -14.14 -7.87
CA ARG B 347 -26.96 -14.03 -6.45
C ARG B 347 -26.48 -15.27 -5.73
N PRO B 348 -26.02 -15.21 -4.46
CA PRO B 348 -26.02 -13.99 -3.63
C PRO B 348 -24.77 -13.11 -3.67
N HIS B 349 -23.78 -13.50 -4.47
CA HIS B 349 -22.55 -12.76 -4.57
C HIS B 349 -22.69 -11.48 -5.42
N VAL B 350 -23.63 -11.51 -6.38
CA VAL B 350 -23.76 -10.47 -7.40
C VAL B 350 -25.23 -10.12 -7.51
N TRP B 351 -25.55 -8.83 -7.28
CA TRP B 351 -26.90 -8.32 -7.45
C TRP B 351 -26.84 -7.33 -8.60
N THR B 352 -27.39 -7.75 -9.77
CA THR B 352 -27.44 -6.93 -10.96
C THR B 352 -28.68 -6.06 -10.85
N VAL B 353 -28.51 -4.73 -10.71
CA VAL B 353 -29.66 -3.89 -10.44
C VAL B 353 -29.63 -2.67 -11.33
N ASP B 354 -30.87 -2.26 -11.61
CA ASP B 354 -31.18 -0.96 -12.15
C ASP B 354 -30.79 0.11 -11.14
N LEU B 355 -29.66 0.76 -11.44
CA LEU B 355 -29.13 1.79 -10.58
C LEU B 355 -30.14 2.89 -10.23
N ASN B 356 -31.16 3.13 -11.10
CA ASN B 356 -32.14 4.19 -10.86
C ASN B 356 -33.44 3.67 -10.25
N ASN B 357 -33.65 2.35 -10.25
CA ASN B 357 -34.77 1.81 -9.49
C ASN B 357 -34.41 1.88 -7.99
N GLN B 358 -34.86 2.95 -7.34
CA GLN B 358 -34.57 3.16 -5.92
C GLN B 358 -34.99 1.96 -5.08
N GLU B 359 -36.21 1.46 -5.37
CA GLU B 359 -36.83 0.37 -4.64
C GLU B 359 -35.97 -0.89 -4.74
N GLU B 360 -35.46 -1.17 -5.96
CA GLU B 360 -34.70 -2.37 -6.24
C GLU B 360 -33.31 -2.29 -5.61
N VAL B 361 -32.68 -1.11 -5.67
CA VAL B 361 -31.40 -0.87 -5.01
C VAL B 361 -31.57 -1.08 -3.50
N GLU B 362 -32.61 -0.48 -2.91
CA GLU B 362 -32.79 -0.54 -1.47
C GLU B 362 -33.06 -1.97 -1.05
N ASP B 363 -33.87 -2.73 -1.82
CA ASP B 363 -34.12 -4.14 -1.51
C ASP B 363 -32.84 -4.96 -1.59
N ALA B 364 -31.95 -4.66 -2.54
CA ALA B 364 -30.70 -5.38 -2.68
C ALA B 364 -29.73 -5.05 -1.54
N VAL B 365 -29.68 -3.78 -1.11
CA VAL B 365 -28.83 -3.44 0.02
C VAL B 365 -29.34 -4.16 1.26
N LYS B 366 -30.65 -4.13 1.53
CA LYS B 366 -31.19 -4.75 2.73
C LYS B 366 -30.94 -6.26 2.72
N ALA B 367 -31.03 -6.87 1.53
CA ALA B 367 -30.75 -8.29 1.37
C ALA B 367 -29.31 -8.59 1.73
N ILE B 368 -28.39 -7.86 1.12
CA ILE B 368 -26.97 -8.12 1.23
C ILE B 368 -26.58 -7.95 2.69
N LEU B 369 -27.08 -6.87 3.31
CA LEU B 369 -26.95 -6.64 4.74
C LEU B 369 -27.29 -7.92 5.53
N ASN B 370 -28.32 -8.68 5.11
CA ASN B 370 -28.79 -9.83 5.85
C ASN B 370 -28.28 -11.16 5.29
N GLN B 371 -27.31 -11.15 4.36
CA GLN B 371 -26.78 -12.37 3.77
C GLN B 371 -25.70 -12.97 4.67
N LYS B 372 -25.60 -14.31 4.70
CA LYS B 372 -24.43 -15.02 5.21
C LYS B 372 -23.23 -14.80 4.30
N ILE B 373 -22.04 -14.74 4.89
CA ILE B 373 -20.84 -14.42 4.12
C ILE B 373 -20.42 -15.70 3.44
N GLU B 374 -20.13 -15.68 2.13
CA GLU B 374 -19.69 -16.87 1.40
C GLU B 374 -18.60 -16.51 0.40
N PRO B 375 -17.30 -16.56 0.76
CA PRO B 375 -16.22 -16.35 -0.21
C PRO B 375 -16.37 -17.30 -1.39
N TYR B 376 -16.14 -16.81 -2.64
CA TYR B 376 -16.32 -17.67 -3.83
C TYR B 376 -15.41 -17.23 -4.97
N MET B 377 -14.79 -18.20 -5.65
CA MET B 377 -14.13 -17.94 -6.90
C MET B 377 -14.30 -19.12 -7.84
N PRO B 378 -14.62 -18.86 -9.14
CA PRO B 378 -14.70 -19.94 -10.13
C PRO B 378 -13.30 -20.52 -10.24
N TYR B 379 -13.27 -21.84 -10.52
CA TYR B 379 -12.04 -22.62 -10.63
C TYR B 379 -11.17 -22.03 -11.73
N GLU B 380 -11.75 -21.56 -12.85
CA GLU B 380 -10.93 -21.01 -13.93
C GLU B 380 -10.17 -19.73 -13.54
N PHE B 381 -10.54 -19.06 -12.41
CA PHE B 381 -9.76 -17.92 -11.94
C PHE B 381 -8.87 -18.30 -10.74
N THR B 382 -8.59 -19.57 -10.51
CA THR B 382 -7.61 -19.93 -9.48
C THR B 382 -6.25 -20.05 -10.17
N CYS B 383 -5.18 -20.13 -9.35
CA CYS B 383 -3.87 -20.42 -9.89
C CYS B 383 -3.88 -21.75 -10.64
N GLU B 384 -4.45 -22.80 -10.04
CA GLU B 384 -4.34 -24.11 -10.60
C GLU B 384 -5.16 -24.14 -11.90
N GLY B 385 -6.34 -23.57 -11.83
CA GLY B 385 -7.22 -23.55 -12.98
C GLY B 385 -6.63 -22.74 -14.17
N MET B 386 -5.90 -21.65 -13.90
CA MET B 386 -5.25 -20.90 -14.96
C MET B 386 -4.07 -21.69 -15.53
N LEU B 387 -3.32 -22.37 -14.64
CA LEU B 387 -2.22 -23.20 -15.07
C LEU B 387 -2.71 -24.29 -16.05
N GLN B 388 -3.85 -24.91 -15.71
CA GLN B 388 -4.36 -26.02 -16.51
C GLN B 388 -4.72 -25.51 -17.93
N ARG B 389 -5.38 -24.36 -17.96
CA ARG B 389 -5.92 -23.76 -19.16
C ARG B 389 -4.76 -23.40 -20.09
N ILE B 390 -3.80 -22.61 -19.62
CA ILE B 390 -2.72 -22.16 -20.45
C ILE B 390 -1.84 -23.35 -20.82
N ASN B 391 -1.71 -24.37 -19.94
CA ASN B 391 -0.89 -25.51 -20.30
C ASN B 391 -1.57 -26.28 -21.41
N ALA B 392 -2.88 -26.42 -21.34
CA ALA B 392 -3.58 -27.12 -22.43
C ALA B 392 -3.46 -26.34 -23.76
N PHE B 393 -3.55 -25.01 -23.69
CA PHE B 393 -3.44 -24.23 -24.90
C PHE B 393 -2.02 -24.36 -25.49
N ILE B 394 -0.96 -24.28 -24.68
CA ILE B 394 0.41 -24.41 -25.18
C ILE B 394 0.57 -25.77 -25.85
N GLU B 395 0.05 -26.84 -25.26
CA GLU B 395 0.40 -28.16 -25.70
C GLU B 395 -0.51 -28.56 -26.84
N LYS B 396 -1.73 -28.06 -26.88
CA LYS B 396 -2.76 -28.63 -27.74
C LYS B 396 -3.24 -27.65 -28.84
N GLN B 397 -3.06 -26.33 -28.68
CA GLN B 397 -3.51 -25.43 -29.74
C GLN B 397 -2.42 -25.22 -30.79
N ASP B 398 -2.66 -25.61 -32.04
CA ASP B 398 -1.71 -25.42 -33.14
C ASP B 398 -2.45 -24.88 -34.37
N PHE B 399 -2.12 -23.68 -34.81
CA PHE B 399 -2.74 -23.09 -36.00
C PHE B 399 -1.77 -23.16 -37.17
N CYS B 400 -0.59 -23.83 -36.99
CA CYS B 400 0.44 -23.80 -38.01
C CYS B 400 0.27 -24.95 -39.00
N HIS B 401 -0.42 -26.04 -38.56
CA HIS B 401 -0.84 -27.19 -39.37
C HIS B 401 0.24 -28.26 -39.28
N MET B 405 -6.43 -31.85 -35.09
CA MET B 405 -7.80 -31.64 -34.56
C MET B 405 -7.72 -31.50 -33.05
N TRP B 406 -7.71 -30.25 -32.53
CA TRP B 406 -8.03 -30.04 -31.14
C TRP B 406 -8.94 -28.81 -31.04
N PRO B 407 -10.12 -28.89 -30.40
CA PRO B 407 -10.60 -30.06 -29.69
C PRO B 407 -10.88 -31.24 -30.63
N PRO B 408 -10.99 -32.45 -30.06
CA PRO B 408 -11.30 -33.62 -30.86
C PRO B 408 -12.76 -33.63 -31.26
N LEU B 409 -13.00 -34.23 -32.46
CA LEU B 409 -14.30 -34.34 -33.08
C LEU B 409 -15.31 -34.97 -32.13
N SER B 410 -14.84 -35.88 -31.24
CA SER B 410 -15.70 -36.49 -30.22
C SER B 410 -16.53 -35.47 -29.43
N ALA B 411 -16.05 -34.23 -29.28
CA ALA B 411 -16.75 -33.23 -28.46
C ALA B 411 -17.88 -32.53 -29.20
N LEU B 412 -17.99 -32.74 -30.52
CA LEU B 412 -18.90 -31.96 -31.36
C LEU B 412 -20.33 -32.33 -31.01
N GLN B 413 -21.18 -31.36 -30.66
CA GLN B 413 -22.60 -31.58 -30.58
C GLN B 413 -23.31 -30.50 -31.41
N VAL B 414 -23.99 -30.93 -32.48
CA VAL B 414 -24.57 -30.00 -33.43
C VAL B 414 -25.89 -29.48 -32.87
N LYS B 415 -26.11 -28.17 -33.05
CA LYS B 415 -27.39 -27.57 -32.73
C LYS B 415 -27.82 -26.62 -33.84
N LEU B 416 -29.15 -26.43 -33.92
CA LEU B 416 -29.78 -25.57 -34.91
C LEU B 416 -30.28 -24.32 -34.21
N ALA B 417 -29.68 -23.16 -34.52
CA ALA B 417 -30.20 -21.91 -33.98
C ALA B 417 -31.47 -21.55 -34.74
N GLU B 418 -32.44 -21.00 -34.01
CA GLU B 418 -33.65 -20.50 -34.62
C GLU B 418 -33.34 -19.19 -35.35
N PRO B 419 -34.26 -18.70 -36.22
CA PRO B 419 -34.12 -17.37 -36.80
C PRO B 419 -34.02 -16.36 -35.67
N GLY B 420 -33.09 -15.40 -35.75
CA GLY B 420 -32.96 -14.38 -34.71
C GLY B 420 -32.06 -14.80 -33.55
N GLN B 421 -31.47 -16.00 -33.63
CA GLN B 421 -30.60 -16.54 -32.59
C GLN B 421 -29.25 -16.95 -33.18
N SER B 422 -28.17 -16.55 -32.50
CA SER B 422 -26.79 -16.83 -32.86
C SER B 422 -26.37 -18.25 -32.43
N CYS B 423 -25.30 -18.77 -33.01
CA CYS B 423 -24.63 -19.99 -32.55
C CYS B 423 -24.15 -19.84 -31.09
N LYS B 424 -23.63 -18.67 -30.71
CA LYS B 424 -23.22 -18.44 -29.32
C LYS B 424 -24.38 -18.82 -28.39
N GLN B 425 -25.56 -18.24 -28.68
CA GLN B 425 -26.76 -18.40 -27.89
C GLN B 425 -27.26 -19.85 -27.83
N VAL B 426 -27.45 -20.53 -28.98
CA VAL B 426 -28.13 -21.81 -28.96
C VAL B 426 -27.26 -22.80 -28.18
N CYS B 427 -25.93 -22.72 -28.33
CA CYS B 427 -25.01 -23.55 -27.56
C CYS B 427 -25.20 -23.30 -26.06
N GLN B 428 -25.16 -22.05 -25.66
CA GLN B 428 -25.30 -21.68 -24.26
C GLN B 428 -26.64 -22.14 -23.65
N GLU B 429 -27.74 -22.11 -24.41
CA GLU B 429 -29.06 -22.49 -23.90
C GLU B 429 -29.12 -23.99 -23.59
N SER B 430 -28.28 -24.84 -24.21
CA SER B 430 -28.16 -26.24 -23.80
C SER B 430 -26.97 -26.50 -22.87
N GLN B 431 -26.50 -25.49 -22.13
CA GLN B 431 -25.32 -25.59 -21.29
C GLN B 431 -24.07 -26.09 -22.04
N LEU B 432 -23.95 -25.73 -23.33
CA LEU B 432 -22.77 -26.02 -24.13
C LEU B 432 -22.13 -24.67 -24.44
N ILE B 433 -21.06 -24.70 -25.26
CA ILE B 433 -20.41 -23.49 -25.77
C ILE B 433 -20.03 -23.75 -27.21
N CYS B 434 -20.13 -22.66 -28.02
CA CYS B 434 -19.81 -22.70 -29.42
C CYS B 434 -18.33 -23.00 -29.58
N GLU B 435 -18.04 -23.87 -30.55
CA GLU B 435 -16.65 -24.28 -30.79
C GLU B 435 -16.32 -24.04 -32.25
N PRO B 436 -15.67 -22.92 -32.60
CA PRO B 436 -15.53 -22.55 -34.01
C PRO B 436 -14.60 -23.44 -34.83
N SER B 437 -13.73 -24.23 -34.15
CA SER B 437 -12.89 -25.17 -34.86
C SER B 437 -13.71 -26.31 -35.51
N PHE B 438 -15.00 -26.51 -35.18
CA PHE B 438 -15.79 -27.59 -35.75
C PHE B 438 -16.68 -27.11 -36.90
N PHE B 439 -16.64 -25.83 -37.28
CA PHE B 439 -17.43 -25.38 -38.44
C PHE B 439 -17.04 -26.15 -39.70
N GLN B 440 -15.75 -26.46 -39.87
CA GLN B 440 -15.29 -27.23 -41.01
C GLN B 440 -15.98 -28.60 -41.15
N HIS B 441 -16.48 -29.22 -40.07
CA HIS B 441 -17.15 -30.51 -40.14
C HIS B 441 -18.65 -30.38 -40.44
N LEU B 442 -19.16 -29.16 -40.64
CA LEU B 442 -20.58 -28.97 -40.93
C LEU B 442 -20.78 -28.19 -42.23
N ASN B 443 -19.89 -28.33 -43.24
CA ASN B 443 -19.89 -27.40 -44.35
C ASN B 443 -20.01 -28.07 -45.71
N LYS B 444 -20.64 -29.25 -45.80
CA LYS B 444 -20.89 -29.95 -47.06
C LYS B 444 -22.04 -30.96 -46.87
N ASP B 445 -22.57 -31.42 -48.03
CA ASP B 445 -23.79 -32.20 -48.13
C ASP B 445 -23.74 -33.47 -47.27
N LYS B 446 -22.69 -34.28 -47.54
CA LYS B 446 -22.40 -35.53 -46.84
C LYS B 446 -22.49 -35.34 -45.32
N ASP B 447 -21.68 -34.35 -44.83
CA ASP B 447 -21.47 -34.15 -43.42
C ASP B 447 -22.78 -33.82 -42.73
N MET B 448 -23.67 -33.09 -43.42
CA MET B 448 -24.93 -32.70 -42.80
C MET B 448 -25.77 -33.93 -42.44
N LEU B 449 -25.88 -34.92 -43.36
CA LEU B 449 -26.68 -36.14 -43.18
C LEU B 449 -26.45 -36.70 -41.77
N LYS B 450 -25.16 -36.96 -41.45
CA LYS B 450 -24.70 -37.34 -40.13
C LYS B 450 -25.48 -36.61 -39.03
N TYR B 451 -25.57 -35.27 -39.06
CA TYR B 451 -26.14 -34.50 -37.95
C TYR B 451 -27.65 -34.27 -38.18
N LYS B 452 -28.31 -35.20 -38.90
CA LYS B 452 -29.76 -35.36 -39.02
C LYS B 452 -30.40 -34.21 -39.80
N VAL B 453 -29.75 -33.76 -40.89
CA VAL B 453 -30.18 -32.61 -41.69
C VAL B 453 -29.98 -32.96 -43.16
N THR B 454 -31.03 -32.80 -44.00
CA THR B 454 -31.01 -33.23 -45.39
C THR B 454 -31.02 -32.01 -46.31
N CYS B 455 -30.06 -31.96 -47.22
CA CYS B 455 -29.89 -30.83 -48.13
C CYS B 455 -30.65 -31.14 -49.42
N GLN B 456 -31.86 -30.55 -49.58
CA GLN B 456 -32.66 -30.72 -50.80
C GLN B 456 -31.84 -30.10 -51.95
N SER B 457 -31.30 -28.89 -51.72
CA SER B 457 -30.14 -28.43 -52.47
C SER B 457 -29.38 -27.33 -51.72
N SER B 458 -28.17 -27.09 -52.22
CA SER B 458 -27.22 -26.18 -51.63
C SER B 458 -26.78 -25.12 -52.65
N GLU B 459 -26.28 -23.98 -52.13
CA GLU B 459 -25.38 -23.07 -52.83
C GLU B 459 -24.34 -22.58 -51.82
N LEU B 460 -23.26 -21.97 -52.34
CA LEU B 460 -22.20 -21.34 -51.54
C LEU B 460 -22.54 -19.87 -51.32
N ALA B 461 -21.95 -19.27 -50.29
CA ALA B 461 -22.10 -17.85 -49.96
C ALA B 461 -20.99 -17.46 -48.99
N LYS B 462 -20.60 -16.19 -49.08
CA LYS B 462 -19.53 -15.65 -48.25
C LYS B 462 -20.13 -14.71 -47.21
N ASP B 463 -20.47 -15.29 -46.04
CA ASP B 463 -21.23 -14.60 -45.02
C ASP B 463 -20.96 -15.25 -43.68
N ILE B 464 -20.89 -14.44 -42.62
CA ILE B 464 -20.76 -14.93 -41.26
C ILE B 464 -21.95 -15.80 -40.84
N LEU B 465 -23.13 -15.73 -41.51
CA LEU B 465 -24.34 -16.38 -40.97
C LEU B 465 -24.54 -17.81 -41.48
N VAL B 466 -23.52 -18.36 -42.13
CA VAL B 466 -23.62 -19.62 -42.83
C VAL B 466 -22.54 -20.55 -42.29
N PRO B 467 -22.74 -21.89 -42.21
CA PRO B 467 -23.83 -22.58 -42.88
C PRO B 467 -25.23 -22.44 -42.27
N SER B 468 -26.23 -22.35 -43.18
CA SER B 468 -27.62 -22.10 -42.84
C SER B 468 -28.55 -23.14 -43.47
N PHE B 469 -29.72 -23.31 -42.85
CA PHE B 469 -30.71 -24.31 -43.24
C PHE B 469 -32.10 -23.68 -43.21
N ASP B 470 -32.84 -23.82 -44.31
CA ASP B 470 -34.25 -23.43 -44.42
C ASP B 470 -35.10 -24.69 -44.24
N PRO B 471 -35.82 -24.86 -43.10
CA PRO B 471 -36.63 -26.07 -42.89
C PRO B 471 -37.85 -26.21 -43.80
N LYS B 472 -38.47 -25.08 -44.21
CA LYS B 472 -39.59 -25.06 -45.16
C LYS B 472 -39.15 -25.60 -46.52
N ASN B 473 -38.04 -25.10 -47.07
CA ASN B 473 -37.54 -25.50 -48.38
C ASN B 473 -36.54 -26.66 -48.31
N LYS B 474 -36.05 -27.02 -47.11
CA LYS B 474 -34.99 -28.02 -46.98
C LYS B 474 -33.76 -27.60 -47.81
N HIS B 475 -33.41 -26.29 -47.75
CA HIS B 475 -32.34 -25.70 -48.55
C HIS B 475 -31.13 -25.31 -47.69
N CYS B 476 -29.93 -25.77 -48.11
CA CYS B 476 -28.69 -25.56 -47.36
C CYS B 476 -27.79 -24.56 -48.07
N VAL B 477 -27.23 -23.60 -47.29
CA VAL B 477 -26.20 -22.69 -47.74
C VAL B 477 -24.93 -22.96 -46.92
N PHE B 478 -23.82 -23.08 -47.65
CA PHE B 478 -22.52 -23.43 -47.11
C PHE B 478 -21.55 -22.25 -47.26
N GLN B 479 -20.51 -22.29 -46.42
CA GLN B 479 -19.56 -21.21 -46.33
C GLN B 479 -18.62 -21.26 -47.53
N GLY B 480 -18.43 -20.14 -48.21
CA GLY B 480 -17.47 -20.09 -49.30
C GLY B 480 -16.21 -19.32 -48.96
N ASP B 481 -16.15 -18.71 -47.77
CA ASP B 481 -14.93 -18.09 -47.24
C ASP B 481 -14.73 -18.59 -45.81
N LEU B 482 -13.73 -19.43 -45.62
CA LEU B 482 -13.60 -20.21 -44.39
C LEU B 482 -13.18 -19.31 -43.22
N LEU B 483 -12.62 -18.13 -43.56
CA LEU B 483 -12.27 -17.16 -42.53
C LEU B 483 -13.53 -16.45 -41.98
N LEU B 484 -14.71 -16.67 -42.59
CA LEU B 484 -15.93 -16.05 -42.10
C LEU B 484 -16.70 -16.96 -41.15
N PHE B 485 -16.22 -18.17 -40.82
CA PHE B 485 -16.89 -18.94 -39.78
C PHE B 485 -16.96 -18.12 -38.49
N SER B 486 -18.12 -18.17 -37.81
CA SER B 486 -18.51 -17.20 -36.80
C SER B 486 -19.59 -17.77 -35.88
N CYS B 487 -19.19 -17.92 -34.61
CA CYS B 487 -20.17 -18.17 -33.54
C CYS B 487 -21.14 -16.98 -33.43
N ALA B 488 -20.62 -15.71 -33.47
CA ALA B 488 -21.41 -14.47 -33.48
C ALA B 488 -22.33 -14.39 -34.69
N GLY B 489 -23.55 -13.89 -34.46
CA GLY B 489 -24.48 -13.48 -35.52
C GLY B 489 -25.69 -14.41 -35.61
N ALA B 490 -26.89 -13.81 -35.80
CA ALA B 490 -28.13 -14.57 -35.94
C ALA B 490 -28.69 -14.40 -37.34
N HIS B 491 -29.31 -15.47 -37.90
CA HIS B 491 -29.87 -15.37 -39.24
C HIS B 491 -31.26 -14.77 -39.12
N PRO B 492 -31.63 -13.77 -39.97
CA PRO B 492 -32.91 -13.11 -39.83
C PRO B 492 -34.10 -13.98 -40.23
N ARG B 493 -33.92 -14.99 -41.10
CA ARG B 493 -35.05 -15.80 -41.55
C ARG B 493 -34.82 -17.31 -41.49
N HIS B 494 -33.57 -17.80 -41.60
CA HIS B 494 -33.24 -19.22 -41.65
C HIS B 494 -32.69 -19.70 -40.30
N GLN B 495 -32.39 -21.01 -40.24
CA GLN B 495 -31.68 -21.56 -39.09
C GLN B 495 -30.19 -21.62 -39.40
N ARG B 496 -29.37 -21.43 -38.34
CA ARG B 496 -27.96 -21.69 -38.48
C ARG B 496 -27.66 -23.10 -37.94
N VAL B 497 -26.67 -23.75 -38.57
CA VAL B 497 -26.15 -25.03 -38.08
C VAL B 497 -24.88 -24.73 -37.30
N CYS B 498 -24.91 -25.07 -36.01
CA CYS B 498 -23.98 -24.54 -35.02
C CYS B 498 -23.13 -25.67 -34.43
N PRO B 499 -21.78 -25.48 -34.34
CA PRO B 499 -20.91 -26.38 -33.59
C PRO B 499 -20.85 -26.03 -32.12
N CYS B 500 -21.30 -26.96 -31.29
CA CYS B 500 -21.17 -26.86 -29.84
C CYS B 500 -20.19 -27.92 -29.31
N ARG B 501 -19.61 -27.61 -28.16
CA ARG B 501 -18.93 -28.60 -27.33
C ARG B 501 -19.38 -28.44 -25.87
N ASP B 502 -19.11 -29.52 -25.09
CA ASP B 502 -19.19 -29.53 -23.64
C ASP B 502 -17.97 -28.83 -23.07
N PHE B 503 -18.05 -28.56 -21.76
CA PHE B 503 -16.98 -27.97 -20.99
C PHE B 503 -16.92 -28.56 -19.57
N ILE B 504 -15.68 -28.61 -19.07
CA ILE B 504 -15.36 -28.91 -17.68
C ILE B 504 -15.99 -27.87 -16.74
N LYS B 505 -16.49 -28.43 -15.60
CA LYS B 505 -16.94 -27.72 -14.40
C LYS B 505 -16.00 -26.54 -14.12
N GLY B 506 -16.49 -25.27 -14.24
CA GLY B 506 -15.76 -24.06 -13.87
C GLY B 506 -14.49 -23.75 -14.69
N GLN B 507 -14.42 -24.35 -15.88
CA GLN B 507 -13.28 -24.24 -16.78
C GLN B 507 -13.83 -24.33 -18.21
N VAL B 508 -14.52 -23.23 -18.64
CA VAL B 508 -15.33 -23.19 -19.85
C VAL B 508 -14.45 -23.25 -21.12
N ALA B 509 -13.16 -22.92 -21.00
CA ALA B 509 -12.22 -22.98 -22.12
C ALA B 509 -11.89 -24.40 -22.61
N LEU B 510 -12.17 -25.44 -21.81
CA LEU B 510 -11.68 -26.77 -22.10
C LEU B 510 -12.82 -27.76 -22.15
N CYS B 511 -12.93 -28.57 -23.21
CA CYS B 511 -13.88 -29.68 -23.22
C CYS B 511 -13.42 -30.76 -22.24
N LYS B 512 -14.34 -31.66 -21.88
CA LYS B 512 -14.05 -32.87 -21.09
C LYS B 512 -12.83 -33.66 -21.60
N ASP B 513 -12.72 -33.88 -22.91
CA ASP B 513 -11.63 -34.68 -23.49
C ASP B 513 -10.52 -33.82 -24.03
N CYS B 514 -10.31 -32.61 -23.51
CA CYS B 514 -9.35 -31.69 -24.09
C CYS B 514 -8.01 -31.66 -23.38
N LEU B 515 -7.88 -32.33 -22.22
CA LEU B 515 -6.63 -32.29 -21.49
C LEU B 515 -5.63 -33.15 -22.25
N1 UDP C . 6.28 4.87 5.00
C2 UDP C . 5.40 3.92 4.47
N3 UDP C . 5.51 3.75 3.11
C4 UDP C . 6.40 4.40 2.25
C5 UDP C . 7.28 5.33 2.89
C6 UDP C . 7.20 5.52 4.21
O2 UDP C . 4.58 3.32 5.13
O4 UDP C . 6.42 4.09 1.04
C1' UDP C . 6.28 5.05 6.47
C2' UDP C . 7.67 4.89 7.04
O2' UDP C . 7.92 3.50 7.09
C3' UDP C . 7.48 5.55 8.42
C4' UDP C . 6.38 6.60 8.18
O4' UDP C . 5.90 6.36 6.83
O3' UDP C . 7.00 4.64 9.40
C5' UDP C . 6.76 8.05 8.35
O5' UDP C . 8.18 8.19 8.14
PA UDP C . 8.87 9.60 7.81
O1A UDP C . 8.69 9.83 6.36
O2A UDP C . 10.20 9.70 8.47
O3A UDP C . 7.97 10.62 8.65
PB UDP C . 6.71 11.56 8.30
O1B UDP C . 5.71 10.88 7.38
O2B UDP C . 7.32 12.76 7.72
O3B UDP C . 6.17 11.72 9.74
C1 NAG D . 3.33 19.71 14.90
C2 NAG D . 3.59 18.39 15.63
C3 NAG D . 3.40 18.54 17.15
C4 NAG D . 4.14 19.78 17.68
C5 NAG D . 3.81 21.04 16.85
C6 NAG D . 4.58 22.31 17.24
C7 NAG D . 1.56 17.04 14.96
C8 NAG D . 1.23 16.19 13.76
N2 NAG D . 2.88 17.21 15.17
O3 NAG D . 3.77 17.31 17.80
O4 NAG D . 3.69 19.98 19.02
O5 NAG D . 4.04 20.82 15.42
O6 NAG D . 5.93 22.31 16.84
O7 NAG D . 0.70 17.54 15.69
C1 MAN E . 2.02 19.95 11.76
C2 MAN E . 3.31 20.55 12.09
C3 MAN E . 4.30 20.37 11.03
C4 MAN E . 4.45 18.86 10.71
C5 MAN E . 3.10 18.22 10.52
C6 MAN E . 3.15 16.73 10.39
O2 MAN E . 3.90 19.81 13.15
O3 MAN E . 5.43 20.96 11.65
O4 MAN E . 5.17 18.61 9.51
O5 MAN E . 2.26 18.55 11.66
O6 MAN E . 4.43 16.19 10.82
C1 MAN F . -2.05 21.99 8.39
C2 MAN F . -1.97 21.22 7.00
C3 MAN F . -0.61 20.48 6.78
C4 MAN F . 0.14 20.34 8.13
C5 MAN F . -0.94 20.00 9.20
C6 MAN F . -0.45 19.37 10.49
O1 MAN F . -3.35 22.31 8.80
O2 MAN F . -2.29 22.09 5.90
O3 MAN F . 0.18 21.10 5.74
O4 MAN F . 1.17 19.33 8.11
O5 MAN F . -1.60 21.24 9.54
O6 MAN F . 0.31 20.28 11.27
N1 UDP G . -6.43 -1.69 -7.38
C2 UDP G . -5.33 -1.39 -6.60
N3 UDP G . -5.48 -0.34 -5.76
C4 UDP G . -6.62 0.40 -5.55
C5 UDP G . -7.74 0.02 -6.38
C6 UDP G . -7.62 -1.02 -7.20
O2 UDP G . -4.26 -1.97 -6.70
O4 UDP G . -6.61 1.27 -4.67
C1' UDP G . -6.29 -2.84 -8.32
C2' UDP G . -7.36 -3.90 -8.09
O2' UDP G . -6.88 -4.76 -7.08
C3' UDP G . -7.49 -4.54 -9.48
C4' UDP G . -6.91 -3.53 -10.47
O4' UDP G . -6.42 -2.42 -9.67
O3' UDP G . -6.64 -5.66 -9.62
C5' UDP G . -7.85 -3.00 -11.52
O5' UDP G . -9.14 -3.65 -11.55
PA UDP G . -10.28 -2.79 -12.24
O1A UDP G . -11.54 -3.52 -12.34
O2A UDP G . -10.43 -1.51 -11.53
O3A UDP G . -9.77 -2.53 -13.76
PB UDP G . -8.95 -1.37 -14.54
O1B UDP G . -8.22 -1.97 -15.62
O2B UDP G . -8.05 -0.71 -13.54
O3B UDP G . -10.02 -0.43 -14.97
C1 NAG H . -7.43 -1.69 -25.07
C2 NAG H . -7.18 -3.03 -24.34
C3 NAG H . -6.83 -4.15 -25.37
C4 NAG H . -7.86 -4.20 -26.53
C5 NAG H . -8.03 -2.81 -27.18
C6 NAG H . -9.07 -2.74 -28.32
C7 NAG H . -5.32 -2.44 -22.60
C8 NAG H . -5.50 -1.47 -21.47
N2 NAG H . -6.43 -3.08 -23.06
O3 NAG H . -6.66 -5.41 -24.70
O4 NAG H . -7.45 -5.12 -27.56
O5 NAG H . -8.37 -1.81 -26.17
O6 NAG H . -10.35 -3.45 -28.20
O7 NAG H . -4.19 -2.69 -23.03
S SO4 I . 14.48 -2.47 -11.60
O1 SO4 I . 14.44 -1.44 -12.60
O2 SO4 I . 13.98 -3.71 -12.13
O3 SO4 I . 15.86 -2.67 -11.17
O4 SO4 I . 13.64 -2.08 -10.48
#